data_9KE8
#
_entry.id   9KE8
#
_cell.length_a   158.520
_cell.length_b   158.520
_cell.length_c   130.400
_cell.angle_alpha   90.00
_cell.angle_beta   90.00
_cell.angle_gamma   120.00
#
_symmetry.space_group_name_H-M   'P 65'
#
loop_
_entity.id
_entity.type
_entity.pdbx_description
1 polymer 'Nicotinamide phosphoribosyltransferase'
2 non-polymer 'BETA-NICOTINAMIDE RIBOSE MONOPHOSPHATE'
3 water water
#
_entity_poly.entity_id   1
_entity_poly.type   'polypeptide(L)'
_entity_poly.pdbx_seq_one_letter_code
;MDNLLNYSSRASAIPSLLCDFYKTSHRIMYPECSQIIYSTFTPRSNEQAPYLTQVVSFGFQAFIIKYLIHYFNDNFFSRD
KHDVVTEYSAFIEKTLQLEDTGEHIAKLHELGYLPIRIKAIPEGKTVAIKVPVMTIENTHSDFFWLTNYLETLINVSLWQ
PMTSASIAFAYRTALIKFANETCDNQEHVPFQSHDFSMRGMSSLESAETSGAGHLTSFLGTDTIPALSFVEAYYGSSSLI
GTSIPASEHSVMSSHGVDELSTFRYLMAKFPHNMLSIVSDTTDFWHNITVNLPLLKQEIIARPENARLVIRPDSGNFFAI
ICGDPTADTEHERKGLIECLWDIFGGTVNQKGYKVINPHIGAIYGDGVTYEKMFKILEGLQAKGFASSNIVFGVGAQTYQ
RNTRDTLGFALKATSITINGEEKAIFKNPKTDDGFKKSQKGRVKVLSRDTYVDGLTSADDFSDDLLELLFEDGKLLRQTD
FDEIRQNLLVSRTTL
;
_entity_poly.pdbx_strand_id   A,B
#
loop_
_chem_comp.id
_chem_comp.type
_chem_comp.name
_chem_comp.formula
NMN non-polymer 'BETA-NICOTINAMIDE RIBOSE MONOPHOSPHATE' 'C11 H16 N2 O8 P 1'
#
# COMPACT_ATOMS: atom_id res chain seq x y z
N LEU A 5 22.53 3.19 4.91
CA LEU A 5 21.74 2.00 5.19
C LEU A 5 22.23 1.22 6.41
N ASN A 6 22.46 1.90 7.53
CA ASN A 6 23.14 1.29 8.65
C ASN A 6 22.15 0.68 9.64
N TYR A 7 20.88 0.63 9.30
CA TYR A 7 19.86 -0.05 10.08
C TYR A 7 19.39 -1.28 9.32
N SER A 8 18.65 -2.13 10.02
CA SER A 8 18.10 -3.31 9.35
C SER A 8 16.77 -3.66 10.00
N SER A 9 15.85 -4.16 9.19
CA SER A 9 14.62 -4.73 9.71
C SER A 9 14.67 -6.25 9.54
N ARG A 10 14.13 -6.97 10.51
CA ARG A 10 14.08 -8.42 10.37
C ARG A 10 13.07 -8.78 9.29
N ALA A 11 13.38 -9.82 8.52
CA ALA A 11 12.58 -10.18 7.36
C ALA A 11 12.16 -11.64 7.41
N SER A 12 11.01 -11.93 6.81
CA SER A 12 10.50 -13.29 6.68
C SER A 12 10.50 -13.80 5.24
N ALA A 13 10.62 -12.91 4.25
CA ALA A 13 10.43 -13.30 2.85
C ALA A 13 11.57 -14.20 2.38
N ILE A 14 11.23 -15.39 1.88
CA ILE A 14 12.25 -16.34 1.42
C ILE A 14 12.71 -15.97 0.01
N PRO A 15 14.01 -15.72 -0.20
CA PRO A 15 14.48 -15.26 -1.52
C PRO A 15 14.04 -16.13 -2.69
N SER A 16 14.07 -17.45 -2.55
CA SER A 16 13.65 -18.31 -3.65
C SER A 16 12.14 -18.57 -3.66
N LEU A 17 11.38 -17.97 -2.75
CA LEU A 17 9.92 -18.11 -2.72
C LEU A 17 9.26 -16.76 -2.56
N LEU A 18 9.84 -15.75 -3.21
CA LEU A 18 9.37 -14.38 -3.05
C LEU A 18 8.54 -14.04 -4.30
N CYS A 19 7.37 -14.68 -4.44
CA CYS A 19 6.65 -14.65 -5.70
C CYS A 19 5.21 -15.12 -5.50
N ASP A 20 4.36 -14.87 -6.49
CA ASP A 20 3.09 -15.60 -6.57
C ASP A 20 3.36 -17.10 -6.55
N PHE A 21 2.53 -17.85 -5.81
CA PHE A 21 2.76 -19.29 -5.70
C PHE A 21 2.90 -20.00 -7.04
N TYR A 22 2.06 -19.67 -8.02
CA TYR A 22 1.98 -20.48 -9.24
C TYR A 22 3.26 -20.35 -10.05
N LYS A 23 4.07 -19.33 -9.74
CA LYS A 23 5.39 -19.21 -10.39
C LYS A 23 6.26 -20.41 -10.09
N THR A 24 6.06 -21.04 -8.92
CA THR A 24 6.86 -22.23 -8.61
C THR A 24 6.49 -23.39 -9.52
N SER A 25 5.30 -23.36 -10.13
CA SER A 25 4.89 -24.45 -11.01
C SER A 25 5.23 -24.18 -12.48
N HIS A 26 5.63 -22.96 -12.86
CA HIS A 26 5.77 -22.66 -14.28
C HIS A 26 7.05 -23.25 -14.87
N ARG A 27 8.10 -23.42 -14.05
CA ARG A 27 9.40 -23.84 -14.58
C ARG A 27 9.26 -25.10 -15.43
N ILE A 28 8.54 -26.12 -14.94
CA ILE A 28 8.40 -27.36 -15.69
C ILE A 28 7.27 -27.30 -16.72
N MET A 29 6.50 -26.21 -16.76
CA MET A 29 5.46 -26.09 -17.77
C MET A 29 5.95 -25.54 -19.10
N TYR A 30 7.09 -24.84 -19.13
CA TYR A 30 7.59 -24.25 -20.37
C TYR A 30 8.07 -25.35 -21.33
N PRO A 31 8.11 -25.07 -22.64
CA PRO A 31 8.57 -26.11 -23.55
C PRO A 31 10.00 -26.52 -23.22
N GLU A 32 10.27 -27.79 -23.44
CA GLU A 32 11.65 -28.25 -23.45
C GLU A 32 12.57 -27.47 -24.40
N CYS A 33 13.79 -27.17 -23.89
CA CYS A 33 14.82 -26.36 -24.56
C CYS A 33 14.51 -24.87 -24.49
N SER A 34 13.63 -24.44 -23.58
CA SER A 34 13.47 -23.01 -23.31
C SER A 34 14.77 -22.46 -22.73
N GLN A 35 15.20 -21.28 -23.21
CA GLN A 35 16.50 -20.76 -22.84
C GLN A 35 16.43 -19.34 -22.26
N ILE A 36 15.72 -18.46 -22.94
CA ILE A 36 15.61 -17.04 -22.57
C ILE A 36 14.14 -16.65 -22.51
N ILE A 37 13.77 -15.90 -21.48
CA ILE A 37 12.49 -15.18 -21.46
C ILE A 37 12.78 -13.69 -21.31
N TYR A 38 12.17 -12.89 -22.19
CA TYR A 38 12.34 -11.45 -22.23
C TYR A 38 10.98 -10.78 -21.97
N SER A 39 10.95 -9.86 -21.00
CA SER A 39 9.71 -9.23 -20.58
C SER A 39 9.85 -7.72 -20.53
N THR A 40 8.71 -7.02 -20.63
CA THR A 40 8.65 -5.56 -20.61
C THR A 40 7.68 -5.12 -19.52
N PHE A 41 8.00 -3.99 -18.90
CA PHE A 41 7.18 -3.34 -17.89
C PHE A 41 6.63 -2.06 -18.49
N THR A 42 5.30 -1.98 -18.62
CA THR A 42 4.68 -0.90 -19.38
C THR A 42 3.50 -0.31 -18.62
N PRO A 43 3.39 1.02 -18.49
CA PRO A 43 2.12 1.63 -18.06
C PRO A 43 1.17 1.66 -19.24
N ARG A 44 0.18 0.79 -19.23
CA ARG A 44 -0.60 0.59 -20.44
C ARG A 44 -1.79 1.53 -20.60
N SER A 45 -2.25 2.21 -19.54
CA SER A 45 -3.47 2.99 -19.69
C SER A 45 -3.59 4.00 -18.56
N ASN A 46 -4.05 5.21 -18.89
CA ASN A 46 -4.43 6.15 -17.84
C ASN A 46 -5.93 6.40 -17.84
N GLU A 47 -6.70 5.41 -18.31
CA GLU A 47 -8.15 5.55 -18.34
C GLU A 47 -8.73 5.85 -16.97
N GLN A 48 -8.18 5.24 -15.93
CA GLN A 48 -8.65 5.50 -14.58
C GLN A 48 -8.18 6.84 -14.03
N ALA A 49 -7.23 7.50 -14.70
CA ALA A 49 -6.67 8.76 -14.21
C ALA A 49 -6.18 9.59 -15.40
N PRO A 50 -7.12 10.13 -16.20
CA PRO A 50 -6.71 10.85 -17.43
C PRO A 50 -5.84 12.04 -17.17
N TYR A 51 -5.80 12.57 -15.95
CA TYR A 51 -4.93 13.71 -15.68
C TYR A 51 -3.44 13.32 -15.67
N LEU A 52 -3.12 12.03 -15.60
CA LEU A 52 -1.73 11.56 -15.70
C LEU A 52 -1.44 11.24 -17.15
N THR A 53 -0.90 12.21 -17.88
CA THR A 53 -0.63 12.05 -19.31
C THR A 53 0.80 11.61 -19.56
N GLN A 54 1.57 11.49 -18.49
CA GLN A 54 3.01 11.49 -18.48
C GLN A 54 3.46 10.51 -17.39
N VAL A 55 4.32 9.53 -17.70
CA VAL A 55 4.83 8.63 -16.66
C VAL A 55 6.27 8.99 -16.31
N VAL A 56 6.51 9.30 -15.04
CA VAL A 56 7.86 9.58 -14.57
C VAL A 56 8.55 8.26 -14.23
N SER A 57 9.71 8.03 -14.83
CA SER A 57 10.53 6.89 -14.43
C SER A 57 11.13 7.15 -13.06
N PHE A 58 10.85 6.27 -12.09
CA PHE A 58 11.42 6.46 -10.77
C PHE A 58 11.31 5.18 -9.95
N GLY A 59 12.38 4.85 -9.21
CA GLY A 59 12.39 3.74 -8.27
C GLY A 59 13.34 2.61 -8.63
N PHE A 60 13.78 2.55 -9.89
CA PHE A 60 14.56 1.38 -10.34
C PHE A 60 15.82 1.19 -9.52
N GLN A 61 16.61 2.25 -9.36
CA GLN A 61 17.89 2.11 -8.67
C GLN A 61 17.70 1.60 -7.25
N ALA A 62 16.74 2.18 -6.52
CA ALA A 62 16.50 1.73 -5.15
C ALA A 62 16.02 0.28 -5.12
N PHE A 63 15.17 -0.09 -6.07
CA PHE A 63 14.72 -1.48 -6.13
C PHE A 63 15.88 -2.43 -6.43
N ILE A 64 16.72 -2.08 -7.41
CA ILE A 64 17.89 -2.91 -7.75
C ILE A 64 18.76 -3.09 -6.52
N ILE A 65 19.08 -1.99 -5.84
CA ILE A 65 20.03 -2.07 -4.73
C ILE A 65 19.40 -2.82 -3.56
N LYS A 66 18.17 -2.46 -3.19
CA LYS A 66 17.56 -3.08 -2.00
C LYS A 66 17.36 -4.57 -2.19
N TYR A 67 16.80 -4.98 -3.33
CA TYR A 67 16.33 -6.35 -3.50
C TYR A 67 17.28 -7.21 -4.34
N LEU A 68 17.55 -6.79 -5.59
CA LEU A 68 18.32 -7.66 -6.48
C LEU A 68 19.76 -7.80 -6.03
N ILE A 69 20.32 -6.79 -5.39
CA ILE A 69 21.67 -6.87 -4.86
C ILE A 69 21.65 -7.25 -3.39
N HIS A 70 21.22 -6.34 -2.50
CA HIS A 70 21.40 -6.60 -1.07
C HIS A 70 20.53 -7.75 -0.56
N TYR A 71 19.24 -7.79 -0.89
CA TYR A 71 18.40 -8.84 -0.31
C TYR A 71 18.88 -10.22 -0.72
N PHE A 72 19.18 -10.40 -2.02
CA PHE A 72 19.65 -11.72 -2.45
C PHE A 72 21.06 -12.01 -1.96
N ASN A 73 21.93 -11.00 -1.89
CA ASN A 73 23.27 -11.28 -1.36
C ASN A 73 23.20 -11.60 0.13
N ASP A 74 22.45 -10.81 0.90
CA ASP A 74 22.39 -11.01 2.34
C ASP A 74 21.70 -12.32 2.73
N ASN A 75 20.66 -12.70 1.99
CA ASN A 75 19.76 -13.73 2.43
C ASN A 75 19.78 -15.00 1.57
N PHE A 76 20.56 -15.00 0.49
CA PHE A 76 20.62 -16.18 -0.39
C PHE A 76 22.06 -16.55 -0.73
N PHE A 77 22.75 -15.72 -1.53
CA PHE A 77 24.09 -16.10 -1.98
C PHE A 77 25.07 -16.21 -0.82
N SER A 78 24.91 -15.37 0.22
CA SER A 78 25.70 -15.44 1.46
C SER A 78 25.43 -16.67 2.30
N ARG A 79 24.28 -17.33 2.11
CA ARG A 79 23.82 -18.37 3.01
C ARG A 79 24.33 -19.74 2.55
N ASP A 80 24.21 -20.72 3.46
CA ASP A 80 24.79 -22.03 3.30
C ASP A 80 24.70 -22.66 1.91
N LYS A 81 23.47 -22.92 1.44
CA LYS A 81 23.14 -23.53 0.15
C LYS A 81 22.37 -24.83 0.36
N HIS A 82 22.94 -25.75 1.14
CA HIS A 82 22.16 -26.90 1.52
C HIS A 82 20.94 -26.43 2.29
N ASP A 83 21.13 -25.49 3.20
CA ASP A 83 20.01 -24.97 3.98
C ASP A 83 19.01 -24.27 3.08
N VAL A 84 19.51 -23.50 2.12
CA VAL A 84 18.64 -22.74 1.24
C VAL A 84 17.85 -23.65 0.32
N VAL A 85 18.52 -24.62 -0.31
CA VAL A 85 17.83 -25.60 -1.15
C VAL A 85 16.82 -26.41 -0.34
N THR A 86 17.21 -26.86 0.86
CA THR A 86 16.32 -27.69 1.67
C THR A 86 15.06 -26.94 2.05
N GLU A 87 15.19 -25.66 2.43
CA GLU A 87 14.04 -24.83 2.73
C GLU A 87 13.08 -24.75 1.55
N TYR A 88 13.63 -24.55 0.35
CA TYR A 88 12.81 -24.51 -0.86
C TYR A 88 12.10 -25.86 -1.07
N SER A 89 12.86 -26.97 -1.07
CA SER A 89 12.27 -28.29 -1.36
C SER A 89 11.21 -28.65 -0.34
N ALA A 90 11.45 -28.36 0.94
CA ALA A 90 10.46 -28.70 1.96
C ALA A 90 9.15 -27.96 1.74
N PHE A 91 9.23 -26.67 1.35
CA PHE A 91 8.02 -25.91 1.11
C PHE A 91 7.23 -26.49 -0.06
N ILE A 92 7.91 -26.87 -1.14
CA ILE A 92 7.20 -27.46 -2.27
C ILE A 92 6.58 -28.80 -1.86
N GLU A 93 7.29 -29.57 -1.02
CA GLU A 93 6.76 -30.87 -0.59
C GLU A 93 5.48 -30.71 0.21
N LYS A 94 5.45 -29.75 1.14
CA LYS A 94 4.27 -29.54 1.98
C LYS A 94 3.09 -29.07 1.14
N THR A 95 3.32 -28.09 0.25
CA THR A 95 2.21 -27.44 -0.41
C THR A 95 1.70 -28.18 -1.65
N LEU A 96 2.51 -29.04 -2.25
CA LEU A 96 2.11 -29.70 -3.49
C LEU A 96 2.31 -31.19 -3.44
N GLN A 97 3.06 -31.69 -2.48
CA GLN A 97 3.38 -33.10 -2.45
C GLN A 97 3.99 -33.49 -3.80
N LEU A 98 4.83 -32.57 -4.31
CA LEU A 98 5.82 -32.83 -5.35
C LEU A 98 7.21 -32.83 -4.76
N GLU A 99 8.05 -33.67 -5.35
CA GLU A 99 9.43 -33.79 -4.90
C GLU A 99 10.24 -32.99 -5.90
N ASP A 100 10.54 -31.76 -5.54
CA ASP A 100 11.34 -30.86 -6.35
C ASP A 100 12.65 -30.76 -5.59
N THR A 101 13.72 -31.30 -6.19
CA THR A 101 15.02 -31.35 -5.53
C THR A 101 15.60 -29.96 -5.32
N GLY A 102 15.05 -28.94 -5.99
CA GLY A 102 15.63 -27.61 -5.89
C GLY A 102 16.96 -27.49 -6.62
N GLU A 103 17.20 -28.33 -7.63
CA GLU A 103 18.49 -28.25 -8.31
C GLU A 103 18.66 -26.90 -8.99
N HIS A 104 17.57 -26.33 -9.55
CA HIS A 104 17.67 -25.02 -10.18
C HIS A 104 18.09 -23.94 -9.18
N ILE A 105 17.64 -24.07 -7.92
CA ILE A 105 18.05 -23.15 -6.86
C ILE A 105 19.53 -23.36 -6.50
N ALA A 106 19.95 -24.63 -6.42
CA ALA A 106 21.36 -24.93 -6.16
C ALA A 106 22.24 -24.34 -7.24
N LYS A 107 21.83 -24.48 -8.51
CA LYS A 107 22.60 -23.93 -9.61
C LYS A 107 22.67 -22.40 -9.55
N LEU A 108 21.54 -21.74 -9.26
CA LEU A 108 21.56 -20.30 -9.08
C LEU A 108 22.56 -19.90 -8.01
N HIS A 109 22.53 -20.61 -6.87
CA HIS A 109 23.43 -20.31 -5.76
C HIS A 109 24.88 -20.47 -6.18
N GLU A 110 25.18 -21.54 -6.95
CA GLU A 110 26.54 -21.80 -7.39
C GLU A 110 27.03 -20.71 -8.32
N LEU A 111 26.13 -20.12 -9.12
CA LEU A 111 26.50 -19.01 -9.98
C LEU A 111 26.99 -17.82 -9.18
N GLY A 112 26.35 -17.54 -8.05
CA GLY A 112 26.80 -16.45 -7.21
C GLY A 112 26.23 -15.09 -7.53
N TYR A 113 25.35 -14.99 -8.53
CA TYR A 113 24.73 -13.73 -8.90
C TYR A 113 23.46 -14.05 -9.69
N LEU A 114 22.61 -13.04 -9.84
CA LEU A 114 21.40 -13.15 -10.65
C LEU A 114 21.73 -12.99 -12.13
N PRO A 115 21.56 -14.04 -12.95
CA PRO A 115 21.86 -13.94 -14.39
C PRO A 115 20.73 -13.20 -15.11
N ILE A 116 20.68 -11.89 -14.87
CA ILE A 116 19.57 -11.04 -15.27
C ILE A 116 20.14 -9.77 -15.89
N ARG A 117 19.55 -9.33 -17.00
CA ARG A 117 19.87 -8.07 -17.63
C ARG A 117 18.65 -7.16 -17.65
N ILE A 118 18.80 -5.93 -17.16
CA ILE A 118 17.70 -4.97 -17.08
C ILE A 118 18.09 -3.67 -17.76
N LYS A 119 17.21 -3.18 -18.63
CA LYS A 119 17.29 -1.83 -19.18
C LYS A 119 16.10 -1.03 -18.68
N ALA A 120 16.29 0.29 -18.51
CA ALA A 120 15.18 1.12 -18.05
C ALA A 120 15.38 2.56 -18.49
N ILE A 121 14.24 3.25 -18.60
CA ILE A 121 14.28 4.70 -18.84
C ILE A 121 15.04 5.37 -17.70
N PRO A 122 15.99 6.26 -17.98
CA PRO A 122 16.70 6.94 -16.89
C PRO A 122 15.73 7.67 -15.98
N GLU A 123 15.99 7.59 -14.67
CA GLU A 123 15.03 8.12 -13.72
C GLU A 123 14.94 9.64 -13.79
N GLY A 124 13.72 10.15 -13.76
CA GLY A 124 13.45 11.54 -13.93
C GLY A 124 13.10 11.93 -15.36
N LYS A 125 13.47 11.09 -16.32
CA LYS A 125 12.90 11.26 -17.64
C LYS A 125 11.47 10.77 -17.64
N THR A 126 10.75 11.23 -18.63
CA THR A 126 9.34 10.97 -18.74
C THR A 126 9.00 10.28 -20.06
N VAL A 127 7.91 9.54 -20.02
CA VAL A 127 7.39 8.75 -21.12
C VAL A 127 5.88 8.93 -21.27
N ALA A 128 5.40 8.81 -22.51
CA ALA A 128 3.96 8.78 -22.74
C ALA A 128 3.38 7.47 -22.22
N ILE A 129 2.08 7.50 -21.87
CA ILE A 129 1.34 6.27 -21.60
C ILE A 129 1.54 5.31 -22.77
N LYS A 130 1.71 4.03 -22.43
CA LYS A 130 1.86 2.86 -23.32
C LYS A 130 3.30 2.66 -23.80
N VAL A 131 4.25 3.50 -23.41
CA VAL A 131 5.65 3.27 -23.78
C VAL A 131 6.31 2.46 -22.67
N PRO A 132 7.03 1.39 -23.02
CA PRO A 132 7.68 0.56 -21.98
C PRO A 132 8.69 1.37 -21.20
N VAL A 133 8.81 1.09 -19.91
CA VAL A 133 9.77 1.80 -19.07
C VAL A 133 10.92 0.92 -18.63
N MET A 134 10.82 -0.40 -18.78
CA MET A 134 11.86 -1.30 -18.33
C MET A 134 11.72 -2.62 -19.10
N THR A 135 12.84 -3.29 -19.35
CA THR A 135 12.83 -4.64 -19.89
C THR A 135 13.73 -5.53 -19.02
N ILE A 136 13.43 -6.82 -18.99
CA ILE A 136 14.19 -7.78 -18.21
C ILE A 136 14.28 -9.08 -18.98
N GLU A 137 15.47 -9.70 -18.97
CA GLU A 137 15.69 -11.02 -19.55
C GLU A 137 16.80 -11.71 -18.75
N ASN A 138 16.84 -13.04 -18.86
CA ASN A 138 17.94 -13.77 -18.24
C ASN A 138 19.10 -13.85 -19.23
N THR A 139 20.30 -13.98 -18.67
CA THR A 139 21.52 -13.95 -19.47
C THR A 139 22.17 -15.32 -19.59
N HIS A 140 21.70 -16.32 -18.84
CA HIS A 140 22.19 -17.69 -18.91
C HIS A 140 21.05 -18.64 -19.23
N SER A 141 21.29 -19.58 -20.15
CA SER A 141 20.22 -20.41 -20.73
C SER A 141 19.51 -21.29 -19.72
N ASP A 142 20.15 -21.66 -18.63
CA ASP A 142 19.45 -22.48 -17.63
C ASP A 142 18.43 -21.70 -16.83
N PHE A 143 18.38 -20.38 -16.96
CA PHE A 143 17.60 -19.58 -16.02
C PHE A 143 16.47 -18.82 -16.71
N PHE A 144 15.96 -19.38 -17.81
CA PHE A 144 14.75 -18.84 -18.44
C PHE A 144 13.66 -18.60 -17.39
N TRP A 145 13.52 -19.53 -16.43
CA TRP A 145 12.47 -19.44 -15.43
C TRP A 145 12.63 -18.23 -14.51
N LEU A 146 13.84 -17.67 -14.43
CA LEU A 146 14.07 -16.63 -13.43
C LEU A 146 13.38 -15.32 -13.83
N THR A 147 13.28 -15.05 -15.13
CA THR A 147 12.57 -13.86 -15.59
C THR A 147 11.10 -13.93 -15.19
N ASN A 148 10.48 -15.08 -15.48
CA ASN A 148 9.14 -15.43 -14.99
C ASN A 148 8.96 -15.15 -13.51
N TYR A 149 9.87 -15.73 -12.76
CA TYR A 149 9.84 -15.78 -11.32
C TYR A 149 9.86 -14.39 -10.71
N LEU A 150 10.62 -13.48 -11.30
CA LEU A 150 10.81 -12.17 -10.66
C LEU A 150 9.68 -11.20 -10.94
N GLU A 151 8.69 -11.57 -11.76
CA GLU A 151 7.64 -10.62 -12.14
C GLU A 151 6.93 -10.09 -10.91
N THR A 152 6.65 -10.96 -9.95
CA THR A 152 5.79 -10.55 -8.84
C THR A 152 6.51 -9.49 -8.03
N LEU A 153 7.79 -9.73 -7.75
CA LEU A 153 8.57 -8.82 -6.92
C LEU A 153 8.81 -7.49 -7.63
N ILE A 154 8.99 -7.52 -8.95
CA ILE A 154 9.21 -6.28 -9.68
C ILE A 154 7.98 -5.40 -9.61
N ASN A 155 6.80 -5.93 -9.87
CA ASN A 155 5.80 -4.88 -9.89
C ASN A 155 5.19 -4.61 -8.52
N VAL A 156 5.33 -5.50 -7.53
CA VAL A 156 4.89 -5.14 -6.18
C VAL A 156 5.74 -3.99 -5.63
N SER A 157 6.96 -3.83 -6.10
CA SER A 157 7.76 -2.77 -5.53
C SER A 157 7.86 -1.52 -6.42
N LEU A 158 7.54 -1.60 -7.71
CA LEU A 158 7.84 -0.46 -8.59
C LEU A 158 6.65 0.35 -9.06
N TRP A 159 5.42 -0.21 -9.05
CA TRP A 159 4.35 0.60 -9.59
C TRP A 159 4.01 1.77 -8.68
N GLN A 160 4.12 1.60 -7.36
CA GLN A 160 3.82 2.71 -6.46
C GLN A 160 4.79 3.87 -6.61
N PRO A 161 6.12 3.69 -6.58
CA PRO A 161 6.99 4.87 -6.76
C PRO A 161 6.79 5.59 -8.09
N MET A 162 6.57 4.86 -9.18
CA MET A 162 6.35 5.55 -10.44
C MET A 162 5.00 6.23 -10.48
N THR A 163 3.98 5.64 -9.86
CA THR A 163 2.68 6.27 -9.81
C THR A 163 2.72 7.55 -8.97
N SER A 164 3.34 7.50 -7.78
CA SER A 164 3.42 8.72 -6.98
C SER A 164 4.22 9.81 -7.69
N ALA A 165 5.35 9.45 -8.30
CA ALA A 165 6.14 10.45 -9.02
C ALA A 165 5.34 11.05 -10.16
N SER A 166 4.54 10.21 -10.84
CA SER A 166 3.77 10.74 -11.96
C SER A 166 2.67 11.67 -11.47
N ILE A 167 2.06 11.33 -10.34
CA ILE A 167 1.04 12.19 -9.73
C ILE A 167 1.66 13.52 -9.32
N ALA A 168 2.81 13.46 -8.65
CA ALA A 168 3.47 14.69 -8.23
C ALA A 168 3.81 15.57 -9.44
N PHE A 169 4.26 14.96 -10.54
CA PHE A 169 4.57 15.72 -11.74
C PHE A 169 3.33 16.40 -12.31
N ALA A 170 2.19 15.71 -12.27
CA ALA A 170 0.97 16.28 -12.81
C ALA A 170 0.47 17.42 -11.93
N TYR A 171 0.59 17.26 -10.61
CA TYR A 171 0.35 18.39 -9.70
C TYR A 171 1.25 19.56 -10.07
N ARG A 172 2.55 19.29 -10.23
CA ARG A 172 3.49 20.37 -10.47
C ARG A 172 3.16 21.08 -11.77
N THR A 173 2.79 20.30 -12.80
CA THR A 173 2.39 20.88 -14.07
C THR A 173 1.24 21.87 -13.90
N ALA A 174 0.19 21.46 -13.19
CA ALA A 174 -0.95 22.34 -12.94
C ALA A 174 -0.55 23.55 -12.11
N LEU A 175 0.28 23.36 -11.08
CA LEU A 175 0.70 24.49 -10.26
C LEU A 175 1.48 25.52 -11.08
N ILE A 176 2.35 25.04 -11.97
CA ILE A 176 3.10 25.91 -12.88
C ILE A 176 2.16 26.70 -13.82
N LYS A 177 1.07 26.09 -14.29
CA LYS A 177 0.14 26.73 -15.20
C LYS A 177 -0.61 27.82 -14.46
N PHE A 178 -1.06 27.54 -13.25
CA PHE A 178 -1.68 28.64 -12.46
C PHE A 178 -0.66 29.75 -12.12
N ALA A 179 0.59 29.37 -11.84
CA ALA A 179 1.60 30.37 -11.56
C ALA A 179 1.88 31.24 -12.79
N ASN A 180 1.89 30.63 -13.98
CA ASN A 180 2.09 31.40 -15.21
C ASN A 180 0.93 32.37 -15.46
N GLU A 181 -0.29 31.97 -15.13
CA GLU A 181 -1.42 32.86 -15.31
C GLU A 181 -1.55 33.93 -14.23
N THR A 182 -1.20 33.63 -12.98
CA THR A 182 -1.60 34.49 -11.85
C THR A 182 -0.48 35.02 -10.98
N CYS A 183 0.76 34.59 -11.16
CA CYS A 183 1.85 34.98 -10.28
C CYS A 183 2.98 35.60 -11.09
N ASP A 184 3.79 36.42 -10.43
CA ASP A 184 4.91 37.05 -11.12
C ASP A 184 6.13 36.15 -11.21
N ASN A 185 6.11 35.03 -10.50
CA ASN A 185 7.22 34.10 -10.47
C ASN A 185 6.67 32.79 -9.92
N GLN A 186 7.50 31.76 -9.96
CA GLN A 186 7.08 30.43 -9.54
C GLN A 186 7.95 29.89 -8.41
N GLU A 187 8.52 30.81 -7.63
CA GLU A 187 9.38 30.45 -6.51
C GLU A 187 8.63 29.69 -5.41
N HIS A 188 7.31 29.81 -5.34
CA HIS A 188 6.52 29.09 -4.35
C HIS A 188 6.27 27.63 -4.75
N VAL A 189 6.38 27.30 -6.04
CA VAL A 189 5.87 26.00 -6.51
C VAL A 189 6.54 24.80 -5.86
N PRO A 190 7.87 24.77 -5.66
CA PRO A 190 8.47 23.59 -4.99
C PRO A 190 7.91 23.31 -3.59
N PHE A 191 7.28 24.29 -2.94
CA PHE A 191 6.75 24.16 -1.60
C PHE A 191 5.25 24.01 -1.56
N GLN A 192 4.57 24.09 -2.70
CA GLN A 192 3.12 24.21 -2.73
C GLN A 192 2.39 22.86 -2.61
N SER A 193 3.06 21.75 -2.88
CA SER A 193 2.53 20.42 -2.60
C SER A 193 3.41 19.77 -1.53
N HIS A 194 2.84 19.58 -0.34
CA HIS A 194 3.57 19.13 0.84
C HIS A 194 3.01 17.77 1.25
N ASP A 195 3.83 16.73 1.19
CA ASP A 195 3.37 15.37 1.42
C ASP A 195 2.90 15.19 2.86
N PHE A 196 1.61 14.85 3.03
CA PHE A 196 0.95 14.59 4.31
C PHE A 196 0.57 13.11 4.48
N SER A 197 0.97 12.23 3.55
CA SER A 197 0.30 10.95 3.36
C SER A 197 0.77 9.84 4.30
N MET A 198 1.84 10.03 5.08
CA MET A 198 2.53 8.89 5.68
C MET A 198 1.60 7.97 6.47
N ARG A 199 0.84 8.54 7.42
CA ARG A 199 0.03 7.66 8.26
C ARG A 199 -1.03 6.90 7.47
N GLY A 200 -1.42 7.39 6.31
CA GLY A 200 -2.43 6.76 5.48
C GLY A 200 -1.92 5.82 4.40
N MET A 201 -0.61 5.65 4.27
CA MET A 201 -0.02 4.67 3.38
C MET A 201 -0.20 3.26 4.02
N SER A 202 -0.14 2.21 3.21
CA SER A 202 -0.48 0.88 3.76
C SER A 202 0.65 0.20 4.54
N SER A 203 1.88 0.69 4.44
CA SER A 203 3.01 0.18 5.18
C SER A 203 4.13 1.20 5.15
N LEU A 204 5.09 1.03 6.04
CA LEU A 204 6.25 1.91 6.03
C LEU A 204 7.00 1.81 4.71
N GLU A 205 7.09 0.61 4.13
CA GLU A 205 7.82 0.49 2.87
C GLU A 205 7.10 1.24 1.76
N SER A 206 5.76 1.17 1.74
CA SER A 206 5.03 1.94 0.73
C SER A 206 5.11 3.44 0.99
N ALA A 207 5.17 3.85 2.27
CA ALA A 207 5.33 5.28 2.57
C ALA A 207 6.67 5.79 2.05
N GLU A 208 7.71 4.96 2.13
CA GLU A 208 9.04 5.40 1.68
C GLU A 208 9.10 5.59 0.17
N THR A 209 8.65 4.59 -0.60
CA THR A 209 8.76 4.70 -2.05
C THR A 209 7.79 5.74 -2.62
N SER A 210 6.57 5.80 -2.09
CA SER A 210 5.63 6.85 -2.50
C SER A 210 6.17 8.23 -2.15
N GLY A 211 6.67 8.41 -0.93
CA GLY A 211 7.13 9.72 -0.54
C GLY A 211 8.36 10.14 -1.31
N ALA A 212 9.20 9.17 -1.68
CA ALA A 212 10.33 9.46 -2.54
C ALA A 212 9.86 9.93 -3.91
N GLY A 213 8.83 9.29 -4.44
CA GLY A 213 8.25 9.77 -5.69
C GLY A 213 7.77 11.21 -5.58
N HIS A 214 7.11 11.55 -4.47
CA HIS A 214 6.67 12.93 -4.27
C HIS A 214 7.85 13.90 -4.34
N LEU A 215 8.95 13.52 -3.71
CA LEU A 215 10.11 14.40 -3.64
C LEU A 215 10.78 14.61 -4.98
N THR A 216 10.49 13.78 -6.00
CA THR A 216 11.10 14.05 -7.30
C THR A 216 10.63 15.40 -7.89
N SER A 217 9.41 15.85 -7.57
CA SER A 217 8.92 17.16 -8.01
C SER A 217 8.81 18.22 -6.94
N PHE A 218 8.88 17.87 -5.65
CA PHE A 218 8.59 18.83 -4.60
C PHE A 218 9.58 18.69 -3.47
N LEU A 219 9.76 19.80 -2.74
CA LEU A 219 10.65 19.82 -1.58
C LEU A 219 9.90 19.57 -0.27
N GLY A 220 8.63 19.95 -0.17
CA GLY A 220 7.94 19.89 1.12
C GLY A 220 7.47 18.48 1.46
N THR A 221 7.81 18.01 2.66
CA THR A 221 7.29 16.71 3.10
C THR A 221 7.37 16.58 4.63
N ASP A 222 6.36 15.94 5.23
CA ASP A 222 6.43 15.32 6.56
C ASP A 222 6.81 13.86 6.59
N THR A 223 6.95 13.19 5.45
CA THR A 223 7.32 11.77 5.47
C THR A 223 8.83 11.67 5.65
N ILE A 224 9.29 11.75 6.91
CA ILE A 224 10.73 11.71 7.18
C ILE A 224 11.41 10.47 6.58
N PRO A 225 10.87 9.25 6.73
CA PRO A 225 11.58 8.09 6.14
C PRO A 225 11.74 8.18 4.62
N ALA A 226 10.91 8.96 3.93
CA ALA A 226 11.13 9.19 2.51
C ALA A 226 12.42 9.96 2.25
N LEU A 227 12.69 10.99 3.07
CA LEU A 227 13.97 11.70 2.96
C LEU A 227 15.14 10.76 3.13
N SER A 228 15.11 9.95 4.18
CA SER A 228 16.26 9.09 4.44
C SER A 228 16.34 7.94 3.45
N PHE A 229 15.21 7.52 2.90
CA PHE A 229 15.21 6.57 1.78
C PHE A 229 15.95 7.16 0.58
N VAL A 230 15.62 8.39 0.20
CA VAL A 230 16.30 9.03 -0.92
C VAL A 230 17.79 9.19 -0.63
N GLU A 231 18.11 9.62 0.59
CA GLU A 231 19.51 9.74 1.00
C GLU A 231 20.27 8.41 0.87
N ALA A 232 19.63 7.29 1.22
CA ALA A 232 20.34 6.01 1.21
C ALA A 232 20.51 5.45 -0.20
N TYR A 233 19.49 5.51 -1.05
CA TYR A 233 19.56 4.83 -2.34
C TYR A 233 19.94 5.76 -3.50
N TYR A 234 19.89 7.08 -3.31
CA TYR A 234 20.21 8.02 -4.38
C TYR A 234 21.27 9.02 -3.95
N GLY A 235 21.11 9.63 -2.78
CA GLY A 235 22.01 10.69 -2.37
C GLY A 235 21.71 12.00 -3.07
N SER A 236 22.19 13.10 -2.49
CA SER A 236 22.00 14.38 -3.15
C SER A 236 22.97 15.43 -2.63
N SER A 237 23.39 16.33 -3.53
CA SER A 237 24.15 17.53 -3.14
C SER A 237 23.26 18.59 -2.52
N SER A 238 22.04 18.76 -3.04
CA SER A 238 21.19 19.84 -2.57
C SER A 238 20.15 19.28 -1.60
N LEU A 239 19.39 20.17 -0.99
CA LEU A 239 18.45 19.75 0.03
C LEU A 239 17.46 18.75 -0.55
N ILE A 240 17.30 17.60 0.12
CA ILE A 240 16.34 16.64 -0.39
C ILE A 240 14.92 17.09 -0.12
N GLY A 241 14.64 17.52 1.12
CA GLY A 241 13.31 17.95 1.48
C GLY A 241 13.35 18.78 2.73
N THR A 242 12.21 19.42 3.02
CA THR A 242 12.12 20.35 4.14
C THR A 242 10.71 20.31 4.71
N SER A 243 10.57 20.81 5.95
CA SER A 243 9.25 20.96 6.53
C SER A 243 9.29 22.06 7.60
N ILE A 244 8.19 22.23 8.32
CA ILE A 244 8.11 23.29 9.33
C ILE A 244 7.43 22.75 10.59
N PRO A 245 7.72 23.37 11.74
CA PRO A 245 6.94 23.06 12.95
C PRO A 245 5.46 23.30 12.69
N ALA A 246 4.63 22.44 13.26
CA ALA A 246 3.19 22.55 13.03
C ALA A 246 2.48 21.86 14.19
N SER A 247 1.43 22.50 14.70
CA SER A 247 0.67 21.89 15.79
C SER A 247 -0.32 20.84 15.26
N GLU A 248 -0.77 19.97 16.17
CA GLU A 248 -1.86 19.06 15.87
C GLU A 248 -3.00 19.28 16.87
N HIS A 249 -4.14 18.62 16.59
CA HIS A 249 -5.33 18.81 17.40
C HIS A 249 -5.09 18.48 18.87
N SER A 250 -4.30 17.43 19.16
CA SER A 250 -4.08 17.07 20.56
C SER A 250 -3.36 18.18 21.31
N VAL A 251 -2.44 18.88 20.64
CA VAL A 251 -1.76 20.03 21.23
C VAL A 251 -2.73 21.16 21.52
N MET A 252 -3.58 21.49 20.55
CA MET A 252 -4.53 22.58 20.76
C MET A 252 -5.50 22.26 21.89
N SER A 253 -6.11 21.07 21.87
CA SER A 253 -7.14 20.77 22.86
C SER A 253 -6.55 20.59 24.26
N SER A 254 -5.31 20.14 24.36
CA SER A 254 -4.67 20.02 25.67
C SER A 254 -4.49 21.37 26.35
N HIS A 255 -4.56 22.46 25.59
CA HIS A 255 -4.50 23.81 26.15
C HIS A 255 -5.88 24.39 26.44
N GLY A 256 -6.94 23.64 26.17
CA GLY A 256 -8.28 24.12 26.47
C GLY A 256 -8.85 24.99 25.36
N VAL A 257 -9.96 25.63 25.70
CA VAL A 257 -10.76 26.36 24.70
C VAL A 257 -10.24 27.76 24.40
N ASP A 258 -9.38 28.34 25.23
CA ASP A 258 -8.81 29.67 24.97
C ASP A 258 -7.69 29.59 23.93
N GLU A 259 -8.10 29.49 22.67
CA GLU A 259 -7.12 29.33 21.61
C GLU A 259 -6.31 30.58 21.33
N LEU A 260 -6.82 31.77 21.72
CA LEU A 260 -6.00 32.97 21.57
C LEU A 260 -4.70 32.83 22.37
N SER A 261 -4.80 32.41 23.63
CA SER A 261 -3.62 32.12 24.45
C SER A 261 -2.71 31.08 23.78
N THR A 262 -3.31 30.02 23.25
CA THR A 262 -2.51 28.93 22.67
C THR A 262 -1.68 29.41 21.49
N PHE A 263 -2.31 30.15 20.57
CA PHE A 263 -1.57 30.76 19.46
C PHE A 263 -0.36 31.52 19.96
N ARG A 264 -0.57 32.38 20.98
CA ARG A 264 0.56 33.14 21.51
C ARG A 264 1.63 32.23 22.08
N TYR A 265 1.22 31.18 22.80
CA TYR A 265 2.14 30.19 23.35
C TYR A 265 2.97 29.52 22.25
N LEU A 266 2.30 29.07 21.19
CA LEU A 266 3.00 28.35 20.13
C LEU A 266 3.94 29.27 19.36
N MET A 267 3.48 30.48 19.01
CA MET A 267 4.34 31.43 18.33
C MET A 267 5.55 31.79 19.18
N ALA A 268 5.39 31.83 20.51
CA ALA A 268 6.55 32.06 21.37
C ALA A 268 7.49 30.86 21.40
N LYS A 269 6.99 29.63 21.22
CA LYS A 269 7.90 28.49 21.23
C LYS A 269 8.79 28.44 19.98
N PHE A 270 8.32 28.99 18.87
CA PHE A 270 9.05 28.99 17.61
C PHE A 270 9.12 30.40 17.04
N PRO A 271 9.90 31.28 17.68
CA PRO A 271 9.98 32.69 17.23
C PRO A 271 10.70 32.87 15.90
N HIS A 272 11.52 31.91 15.47
CA HIS A 272 12.41 32.13 14.32
C HIS A 272 12.19 31.13 13.21
N ASN A 273 11.01 30.50 13.16
CA ASN A 273 10.69 29.50 12.16
C ASN A 273 9.27 29.72 11.69
N MET A 274 8.98 29.33 10.44
CA MET A 274 7.59 29.22 10.03
C MET A 274 6.86 28.22 10.92
N LEU A 275 5.57 28.48 11.13
CA LEU A 275 4.82 27.69 12.10
C LEU A 275 3.38 27.55 11.62
N SER A 276 2.96 26.30 11.44
CA SER A 276 1.59 26.00 11.06
C SER A 276 0.77 25.70 12.32
N ILE A 277 -0.38 26.33 12.43
CA ILE A 277 -1.27 26.09 13.57
C ILE A 277 -2.61 25.63 13.05
N VAL A 278 -2.98 24.39 13.39
CA VAL A 278 -4.28 23.87 12.99
C VAL A 278 -5.36 24.62 13.76
N SER A 279 -6.41 25.06 13.05
CA SER A 279 -7.20 26.18 13.52
C SER A 279 -8.66 25.86 13.76
N ASP A 280 -9.07 24.60 13.63
CA ASP A 280 -10.47 24.21 13.70
C ASP A 280 -10.77 23.28 14.88
N THR A 281 -9.93 23.27 15.92
CA THR A 281 -10.18 22.34 17.02
C THR A 281 -11.52 22.61 17.70
N THR A 282 -11.85 23.88 17.91
CA THR A 282 -13.09 24.24 18.59
C THR A 282 -13.99 25.12 17.72
N ASP A 283 -13.46 26.23 17.18
CA ASP A 283 -14.29 27.14 16.41
C ASP A 283 -13.40 27.82 15.36
N PHE A 284 -13.39 27.24 14.16
CA PHE A 284 -12.51 27.72 13.09
C PHE A 284 -12.73 29.21 12.80
N TRP A 285 -13.97 29.60 12.53
CA TRP A 285 -14.21 30.97 12.10
C TRP A 285 -13.99 31.97 13.23
N HIS A 286 -14.15 31.55 14.50
CA HIS A 286 -13.78 32.44 15.60
C HIS A 286 -12.29 32.77 15.57
N ASN A 287 -11.43 31.75 15.37
CA ASN A 287 -10.00 32.01 15.21
C ASN A 287 -9.73 32.99 14.06
N ILE A 288 -10.43 32.83 12.94
CA ILE A 288 -10.16 33.70 11.79
C ILE A 288 -10.63 35.13 12.06
N THR A 289 -11.89 35.30 12.45
CA THR A 289 -12.48 36.63 12.46
C THR A 289 -12.21 37.40 13.75
N VAL A 290 -11.93 36.72 14.86
CA VAL A 290 -11.68 37.38 16.14
C VAL A 290 -10.21 37.32 16.53
N ASN A 291 -9.63 36.13 16.51
CA ASN A 291 -8.30 35.98 17.09
C ASN A 291 -7.20 36.51 16.16
N LEU A 292 -7.28 36.26 14.85
CA LEU A 292 -6.24 36.80 13.97
C LEU A 292 -6.15 38.32 14.00
N PRO A 293 -7.25 39.10 13.98
CA PRO A 293 -7.08 40.56 14.18
C PRO A 293 -6.38 40.90 15.50
N LEU A 294 -6.73 40.21 16.58
CA LEU A 294 -6.08 40.46 17.87
C LEU A 294 -4.61 40.07 17.85
N LEU A 295 -4.24 39.11 17.00
CA LEU A 295 -2.87 38.61 16.90
C LEU A 295 -2.07 39.34 15.84
N LYS A 296 -2.74 40.19 15.05
CA LYS A 296 -2.12 40.78 13.86
C LYS A 296 -0.80 41.47 14.17
N GLN A 297 -0.77 42.31 15.21
CA GLN A 297 0.46 43.05 15.51
C GLN A 297 1.63 42.12 15.76
N GLU A 298 1.36 41.01 16.45
CA GLU A 298 2.43 40.10 16.81
C GLU A 298 2.87 39.33 15.58
N ILE A 299 1.89 38.94 14.76
CA ILE A 299 2.18 38.19 13.55
C ILE A 299 3.09 38.99 12.62
N ILE A 300 2.76 40.26 12.36
CA ILE A 300 3.53 41.01 11.37
C ILE A 300 4.88 41.46 11.90
N ALA A 301 5.12 41.35 13.20
CA ALA A 301 6.43 41.62 13.80
C ALA A 301 7.44 40.50 13.57
N ARG A 302 6.97 39.30 13.20
CA ARG A 302 7.89 38.18 13.03
C ARG A 302 8.68 38.33 11.73
N PRO A 303 9.89 37.76 11.65
CA PRO A 303 10.61 37.76 10.37
C PRO A 303 9.77 37.10 9.29
N GLU A 304 9.93 37.57 8.04
CA GLU A 304 9.13 37.00 6.96
C GLU A 304 9.45 35.52 6.75
N ASN A 305 10.69 35.11 7.02
CA ASN A 305 10.97 33.68 6.95
C ASN A 305 10.39 32.89 8.12
N ALA A 306 9.65 33.52 9.02
CA ALA A 306 9.04 32.81 10.15
C ALA A 306 7.53 33.01 10.15
N ARG A 307 6.92 33.01 8.98
CA ARG A 307 5.50 33.36 8.90
C ARG A 307 4.62 32.34 9.59
N LEU A 308 3.55 32.84 10.19
CA LEU A 308 2.50 31.99 10.74
C LEU A 308 1.64 31.45 9.61
N VAL A 309 1.38 30.15 9.61
CA VAL A 309 0.58 29.49 8.58
C VAL A 309 -0.68 28.93 9.21
N ILE A 310 -1.84 29.24 8.62
CA ILE A 310 -3.14 28.82 9.14
C ILE A 310 -3.56 27.53 8.44
N ARG A 311 -3.86 26.50 9.24
CA ARG A 311 -4.33 25.22 8.68
C ARG A 311 -5.77 24.92 9.06
N PRO A 312 -6.72 25.10 8.14
CA PRO A 312 -8.03 24.48 8.32
C PRO A 312 -7.93 22.98 8.07
N ASP A 313 -8.83 22.23 8.70
CA ASP A 313 -8.82 20.77 8.55
C ASP A 313 -10.22 20.18 8.48
N SER A 314 -11.22 21.00 8.16
CA SER A 314 -12.61 20.56 8.12
C SER A 314 -13.40 21.58 7.33
N GLY A 315 -14.58 21.16 6.88
CA GLY A 315 -15.41 21.95 5.99
C GLY A 315 -15.30 21.45 4.57
N ASN A 316 -16.19 21.97 3.73
CA ASN A 316 -16.07 21.68 2.31
C ASN A 316 -14.80 22.30 1.76
N PHE A 317 -14.01 21.51 1.02
CA PHE A 317 -12.70 21.98 0.55
C PHE A 317 -12.81 23.30 -0.19
N PHE A 318 -13.79 23.41 -1.10
CA PHE A 318 -13.91 24.62 -1.89
C PHE A 318 -14.44 25.78 -1.05
N ALA A 319 -15.49 25.53 -0.26
CA ALA A 319 -16.13 26.60 0.50
C ALA A 319 -15.17 27.19 1.51
N ILE A 320 -14.40 26.34 2.17
CA ILE A 320 -13.54 26.80 3.26
C ILE A 320 -12.44 27.72 2.71
N ILE A 321 -11.91 27.41 1.53
CA ILE A 321 -10.79 28.18 0.98
C ILE A 321 -11.27 29.34 0.12
N CYS A 322 -12.29 29.11 -0.71
CA CYS A 322 -12.72 30.04 -1.74
C CYS A 322 -13.99 30.80 -1.39
N GLY A 323 -14.72 30.40 -0.38
CA GLY A 323 -15.98 31.02 -0.03
C GLY A 323 -17.17 30.28 -0.65
N ASP A 324 -18.32 30.47 -0.02
CA ASP A 324 -19.57 29.84 -0.45
C ASP A 324 -20.59 30.96 -0.58
N PRO A 325 -20.97 31.35 -1.81
CA PRO A 325 -21.84 32.53 -1.96
C PRO A 325 -23.23 32.37 -1.36
N THR A 326 -23.74 31.15 -1.23
CA THR A 326 -24.99 30.85 -0.56
C THR A 326 -24.93 30.92 0.98
N ALA A 327 -23.79 31.24 1.59
CA ALA A 327 -23.68 31.03 3.03
C ALA A 327 -24.34 32.20 3.78
N ASP A 328 -24.61 31.96 5.07
CA ASP A 328 -25.37 32.90 5.91
C ASP A 328 -24.55 34.06 6.44
N THR A 329 -23.24 33.94 6.50
CA THR A 329 -22.40 34.98 7.08
C THR A 329 -21.41 35.48 6.05
N GLU A 330 -21.04 36.75 6.20
CA GLU A 330 -20.10 37.35 5.25
C GLU A 330 -18.78 36.60 5.22
N HIS A 331 -18.25 36.25 6.39
CA HIS A 331 -16.96 35.56 6.41
C HIS A 331 -17.03 34.22 5.69
N GLU A 332 -18.17 33.53 5.75
CA GLU A 332 -18.29 32.26 5.03
C GLU A 332 -18.52 32.46 3.54
N ARG A 333 -19.19 33.54 3.13
CA ARG A 333 -19.37 33.79 1.71
C ARG A 333 -18.03 34.08 1.06
N LYS A 334 -17.14 34.73 1.77
CA LYS A 334 -15.76 34.77 1.34
C LYS A 334 -15.09 33.57 1.98
N GLY A 335 -13.93 33.21 1.48
CA GLY A 335 -13.24 32.04 1.98
C GLY A 335 -12.19 32.47 3.00
N LEU A 336 -11.37 31.50 3.38
CA LEU A 336 -10.23 31.79 4.23
C LEU A 336 -9.32 32.81 3.56
N ILE A 337 -9.07 32.62 2.26
CA ILE A 337 -8.09 33.44 1.56
C ILE A 337 -8.55 34.90 1.53
N GLU A 338 -9.80 35.14 1.15
CA GLU A 338 -10.28 36.52 1.13
C GLU A 338 -10.28 37.13 2.53
N CYS A 339 -10.64 36.33 3.56
CA CYS A 339 -10.60 36.83 4.93
C CYS A 339 -9.20 37.22 5.34
N LEU A 340 -8.19 36.43 4.95
CA LEU A 340 -6.82 36.78 5.31
C LEU A 340 -6.38 38.06 4.61
N TRP A 341 -6.81 38.23 3.35
CA TRP A 341 -6.59 39.47 2.63
C TRP A 341 -7.26 40.65 3.34
N ASP A 342 -8.49 40.44 3.83
CA ASP A 342 -9.16 41.53 4.56
C ASP A 342 -8.39 41.90 5.82
N ILE A 343 -7.94 40.91 6.61
CA ILE A 343 -7.30 41.19 7.89
C ILE A 343 -5.88 41.70 7.70
N PHE A 344 -5.10 41.04 6.86
CA PHE A 344 -3.71 41.40 6.69
C PHE A 344 -3.54 42.19 5.40
N GLY A 345 -2.35 42.68 5.17
CA GLY A 345 -2.17 43.42 3.92
C GLY A 345 -2.26 42.53 2.66
N GLY A 346 -1.99 43.18 1.53
CA GLY A 346 -1.49 42.50 0.36
C GLY A 346 -1.17 43.51 -0.72
N THR A 347 -0.73 42.99 -1.86
CA THR A 347 -0.42 43.78 -3.04
C THR A 347 -1.13 43.16 -4.22
N VAL A 348 -1.14 43.90 -5.33
CA VAL A 348 -1.62 43.40 -6.61
C VAL A 348 -0.41 43.25 -7.51
N ASN A 349 -0.23 42.06 -8.09
CA ASN A 349 1.01 41.80 -8.81
C ASN A 349 0.88 42.28 -10.27
N GLN A 350 1.95 42.08 -11.03
CA GLN A 350 1.99 42.55 -12.42
C GLN A 350 0.92 41.89 -13.29
N LYS A 351 0.45 40.69 -12.91
CA LYS A 351 -0.57 40.00 -13.67
C LYS A 351 -1.97 40.47 -13.30
N GLY A 352 -2.10 41.29 -12.28
CA GLY A 352 -3.40 41.74 -11.85
C GLY A 352 -4.03 40.96 -10.73
N TYR A 353 -3.27 40.08 -10.05
CA TYR A 353 -3.83 39.19 -9.04
C TYR A 353 -3.38 39.60 -7.63
N LYS A 354 -4.27 39.40 -6.67
CA LYS A 354 -3.99 39.73 -5.27
C LYS A 354 -3.04 38.72 -4.62
N VAL A 355 -2.00 39.22 -3.96
CA VAL A 355 -1.01 38.42 -3.25
C VAL A 355 -1.03 38.85 -1.78
N ILE A 356 -1.49 37.97 -0.89
CA ILE A 356 -1.63 38.31 0.52
C ILE A 356 -0.27 38.64 1.15
N ASN A 357 -0.29 39.54 2.13
CA ASN A 357 0.80 39.83 3.05
C ASN A 357 1.61 38.58 3.38
N PRO A 358 2.93 38.57 3.11
CA PRO A 358 3.71 37.34 3.33
C PRO A 358 3.94 36.98 4.79
N HIS A 359 3.46 37.78 5.76
CA HIS A 359 3.58 37.38 7.16
C HIS A 359 2.53 36.36 7.56
N ILE A 360 1.54 36.09 6.70
CA ILE A 360 0.52 35.09 7.00
C ILE A 360 0.46 34.13 5.82
N GLY A 361 0.09 32.86 6.10
CA GLY A 361 -0.04 31.86 5.07
C GLY A 361 -1.21 30.94 5.37
N ALA A 362 -1.52 30.08 4.38
CA ALA A 362 -2.60 29.12 4.52
C ALA A 362 -2.17 27.80 3.91
N ILE A 363 -2.44 26.72 4.62
CA ILE A 363 -2.22 25.36 4.11
C ILE A 363 -3.50 24.57 4.32
N TYR A 364 -3.97 23.91 3.26
CA TYR A 364 -5.14 23.06 3.32
C TYR A 364 -4.72 21.62 3.06
N GLY A 365 -5.01 20.75 4.02
CA GLY A 365 -4.48 19.40 3.95
C GLY A 365 -5.45 18.34 4.41
N ASP A 366 -6.73 18.48 4.05
CA ASP A 366 -7.78 17.51 4.42
C ASP A 366 -8.26 16.78 3.16
N GLY A 367 -7.73 15.59 2.93
CA GLY A 367 -8.22 14.79 1.79
C GLY A 367 -7.97 15.40 0.43
N VAL A 368 -6.84 16.08 0.25
CA VAL A 368 -6.60 16.77 -1.01
C VAL A 368 -6.35 15.74 -2.11
N THR A 369 -6.98 15.97 -3.27
CA THR A 369 -6.79 15.22 -4.49
C THR A 369 -6.48 16.21 -5.61
N TYR A 370 -5.98 15.69 -6.74
CA TYR A 370 -5.71 16.56 -7.87
C TYR A 370 -6.93 17.41 -8.22
N GLU A 371 -8.10 16.76 -8.29
CA GLU A 371 -9.30 17.49 -8.70
C GLU A 371 -9.64 18.59 -7.70
N LYS A 372 -9.49 18.30 -6.40
CA LYS A 372 -9.80 19.32 -5.41
C LYS A 372 -8.77 20.45 -5.46
N MET A 373 -7.49 20.11 -5.62
CA MET A 373 -6.47 21.14 -5.80
C MET A 373 -6.82 22.05 -6.97
N PHE A 374 -7.18 21.45 -8.10
CA PHE A 374 -7.46 22.22 -9.30
C PHE A 374 -8.66 23.13 -9.12
N LYS A 375 -9.73 22.62 -8.50
CA LYS A 375 -10.92 23.44 -8.30
C LYS A 375 -10.64 24.60 -7.37
N ILE A 376 -9.84 24.39 -6.32
CA ILE A 376 -9.50 25.49 -5.43
C ILE A 376 -8.75 26.59 -6.17
N LEU A 377 -7.76 26.20 -6.98
CA LEU A 377 -7.00 27.23 -7.68
C LEU A 377 -7.88 27.97 -8.69
N GLU A 378 -8.81 27.27 -9.36
CA GLU A 378 -9.74 27.95 -10.24
C GLU A 378 -10.62 28.93 -9.48
N GLY A 379 -11.08 28.53 -8.30
CA GLY A 379 -11.92 29.40 -7.50
C GLY A 379 -11.19 30.65 -7.05
N LEU A 380 -9.91 30.49 -6.68
CA LEU A 380 -9.16 31.67 -6.27
C LEU A 380 -8.89 32.57 -7.47
N GLN A 381 -8.52 31.96 -8.60
CA GLN A 381 -8.34 32.75 -9.81
C GLN A 381 -9.60 33.52 -10.19
N ALA A 382 -10.76 32.86 -10.09
CA ALA A 382 -11.99 33.58 -10.42
C ALA A 382 -12.20 34.80 -9.52
N LYS A 383 -11.70 34.76 -8.29
CA LYS A 383 -11.81 35.88 -7.36
C LYS A 383 -10.62 36.84 -7.48
N GLY A 384 -9.74 36.63 -8.44
CA GLY A 384 -8.58 37.49 -8.62
C GLY A 384 -7.49 37.35 -7.58
N PHE A 385 -7.35 36.18 -6.97
CA PHE A 385 -6.27 35.87 -6.03
C PHE A 385 -5.23 34.99 -6.70
N ALA A 386 -3.95 35.31 -6.48
CA ALA A 386 -2.86 34.54 -7.04
C ALA A 386 -2.84 33.12 -6.46
N SER A 387 -2.43 32.17 -7.30
CA SER A 387 -2.37 30.78 -6.86
C SER A 387 -1.33 30.56 -5.77
N SER A 388 -0.37 31.47 -5.63
CA SER A 388 0.65 31.32 -4.59
C SER A 388 0.09 31.53 -3.17
N ASN A 389 -1.17 31.95 -3.03
CA ASN A 389 -1.68 32.26 -1.69
C ASN A 389 -1.97 31.03 -0.85
N ILE A 390 -1.89 29.83 -1.42
CA ILE A 390 -2.23 28.66 -0.64
C ILE A 390 -1.23 27.52 -0.90
N VAL A 391 -0.89 26.78 0.16
CA VAL A 391 -0.16 25.52 0.11
C VAL A 391 -1.14 24.36 0.28
N PHE A 392 -0.85 23.24 -0.41
CA PHE A 392 -1.64 22.01 -0.27
C PHE A 392 -0.83 20.98 0.52
N GLY A 393 -1.39 20.52 1.65
CA GLY A 393 -0.92 19.27 2.29
C GLY A 393 -1.53 18.13 1.51
N VAL A 394 -0.71 17.38 0.78
CA VAL A 394 -1.21 16.39 -0.17
C VAL A 394 -1.02 15.03 0.46
N GLY A 395 -2.12 14.37 0.79
CA GLY A 395 -2.05 13.22 1.67
C GLY A 395 -2.42 11.89 1.05
N ALA A 396 -2.99 11.00 1.88
CA ALA A 396 -3.18 9.60 1.47
C ALA A 396 -4.26 9.47 0.42
N GLN A 397 -5.22 10.39 0.39
CA GLN A 397 -6.23 10.35 -0.67
C GLN A 397 -5.66 10.70 -2.04
N THR A 398 -4.46 11.25 -2.10
CA THR A 398 -3.73 11.31 -3.35
C THR A 398 -2.81 10.10 -3.53
N TYR A 399 -1.95 9.80 -2.55
CA TYR A 399 -0.90 8.84 -2.81
C TYR A 399 -1.25 7.39 -2.45
N GLN A 400 -2.13 7.14 -1.47
CA GLN A 400 -2.52 5.76 -1.17
C GLN A 400 -3.66 5.30 -2.07
N ARG A 401 -4.54 6.21 -2.47
CA ARG A 401 -5.76 5.85 -3.20
C ARG A 401 -5.43 5.63 -4.68
N ASN A 402 -4.60 4.63 -4.94
CA ASN A 402 -4.25 4.20 -6.29
C ASN A 402 -4.14 2.69 -6.31
N THR A 403 -4.15 2.13 -7.52
CA THR A 403 -3.78 0.73 -7.71
C THR A 403 -2.80 0.65 -8.88
N ARG A 404 -2.23 -0.54 -9.09
CA ARG A 404 -1.42 -0.81 -10.28
C ARG A 404 -2.22 -0.52 -11.55
N ASP A 405 -3.54 -0.54 -11.49
CA ASP A 405 -4.39 -0.27 -12.64
C ASP A 405 -4.63 1.21 -12.87
N THR A 406 -4.15 2.08 -11.98
CA THR A 406 -4.25 3.52 -12.20
C THR A 406 -3.52 3.97 -13.48
N LEU A 407 -2.29 3.48 -13.67
CA LEU A 407 -1.56 3.69 -14.91
C LEU A 407 -1.47 2.40 -15.73
N GLY A 408 -2.19 1.36 -15.32
CA GLY A 408 -2.26 0.11 -16.09
C GLY A 408 -0.93 -0.61 -16.22
N PHE A 409 -0.14 -0.59 -15.16
CA PHE A 409 1.18 -1.19 -15.20
C PHE A 409 1.05 -2.69 -15.40
N ALA A 410 1.85 -3.24 -16.31
CA ALA A 410 1.88 -4.68 -16.49
C ALA A 410 3.28 -5.10 -16.90
N LEU A 411 3.75 -6.19 -16.30
CA LEU A 411 4.92 -6.88 -16.81
C LEU A 411 4.49 -8.11 -17.57
N LYS A 412 4.90 -8.16 -18.84
CA LYS A 412 4.48 -9.18 -19.79
C LYS A 412 5.70 -9.77 -20.48
N ALA A 413 5.70 -11.09 -20.63
CA ALA A 413 6.71 -11.72 -21.46
C ALA A 413 6.37 -11.44 -22.92
N THR A 414 7.36 -11.01 -23.69
CA THR A 414 7.13 -10.73 -25.10
C THR A 414 7.97 -11.57 -26.04
N SER A 415 8.98 -12.28 -25.54
CA SER A 415 9.81 -13.10 -26.41
C SER A 415 10.38 -14.27 -25.62
N ILE A 416 10.39 -15.45 -26.24
CA ILE A 416 11.03 -16.60 -25.64
C ILE A 416 11.99 -17.20 -26.65
N THR A 417 13.17 -17.58 -26.20
CA THR A 417 14.13 -18.30 -27.03
C THR A 417 14.05 -19.78 -26.67
N ILE A 418 13.75 -20.58 -27.68
CA ILE A 418 13.62 -22.03 -27.55
C ILE A 418 14.57 -22.65 -28.55
N ASN A 419 15.53 -23.43 -28.05
CA ASN A 419 16.46 -24.19 -28.89
C ASN A 419 17.17 -23.26 -29.88
N GLY A 420 17.64 -22.13 -29.36
CA GLY A 420 18.44 -21.19 -30.12
C GLY A 420 17.67 -20.18 -30.96
N GLU A 421 16.34 -20.25 -31.00
CA GLU A 421 15.61 -19.42 -31.95
C GLU A 421 14.60 -18.53 -31.21
N GLU A 422 14.66 -17.22 -31.45
CA GLU A 422 13.81 -16.25 -30.76
C GLU A 422 12.40 -16.22 -31.35
N LYS A 423 11.40 -16.31 -30.46
CA LYS A 423 10.00 -16.27 -30.86
C LYS A 423 9.20 -15.24 -30.09
N ALA A 424 8.33 -14.51 -30.78
CA ALA A 424 7.38 -13.64 -30.09
C ALA A 424 6.32 -14.44 -29.35
N ILE A 425 5.98 -13.99 -28.14
CA ILE A 425 4.85 -14.53 -27.37
C ILE A 425 3.93 -13.39 -26.93
N PHE A 426 2.63 -13.68 -26.90
CA PHE A 426 1.64 -12.64 -26.66
C PHE A 426 0.28 -13.27 -26.52
N LYS A 427 -0.61 -12.56 -25.84
CA LYS A 427 -2.01 -12.92 -25.73
C LYS A 427 -2.80 -11.98 -26.64
N ASN A 428 -3.87 -12.48 -27.24
CA ASN A 428 -4.69 -11.61 -28.09
C ASN A 428 -6.18 -11.75 -27.79
N SER A 438 -0.61 -5.56 -27.22
CA SER A 438 0.15 -6.78 -27.47
C SER A 438 1.52 -6.49 -28.02
N GLN A 439 2.48 -6.26 -27.12
CA GLN A 439 3.86 -6.09 -27.55
C GLN A 439 4.41 -7.46 -27.91
N LYS A 440 5.28 -7.51 -28.91
CA LYS A 440 5.78 -8.78 -29.41
C LYS A 440 7.27 -8.64 -29.63
N GLY A 441 8.06 -9.65 -29.27
CA GLY A 441 9.47 -9.57 -29.57
C GLY A 441 10.16 -8.53 -28.69
N ARG A 442 11.38 -8.17 -29.06
CA ARG A 442 12.10 -7.17 -28.29
C ARG A 442 11.68 -5.75 -28.71
N VAL A 443 11.85 -4.81 -27.79
CA VAL A 443 11.36 -3.45 -27.97
C VAL A 443 12.53 -2.48 -27.89
N LYS A 444 12.33 -1.32 -28.51
CA LYS A 444 13.27 -0.21 -28.42
C LYS A 444 12.47 1.07 -28.31
N VAL A 445 12.80 1.92 -27.34
CA VAL A 445 12.11 3.20 -27.22
C VAL A 445 12.89 4.24 -28.02
N LEU A 446 12.21 4.82 -29.02
CA LEU A 446 12.78 5.75 -29.99
C LEU A 446 12.66 7.19 -29.53
N SER A 447 11.58 7.52 -28.86
CA SER A 447 11.39 8.84 -28.29
C SER A 447 10.44 8.69 -27.12
N ARG A 448 10.11 9.82 -26.49
CA ARG A 448 9.26 9.79 -25.31
C ARG A 448 7.88 9.21 -25.63
N ASP A 449 7.45 9.27 -26.90
CA ASP A 449 6.10 8.89 -27.29
C ASP A 449 6.04 7.80 -28.35
N THR A 450 7.19 7.24 -28.75
CA THR A 450 7.24 6.20 -29.77
C THR A 450 8.29 5.14 -29.48
N TYR A 451 7.88 3.89 -29.72
CA TYR A 451 8.75 2.74 -29.60
C TYR A 451 8.51 1.84 -30.81
N VAL A 452 9.40 0.88 -30.99
CA VAL A 452 9.22 -0.17 -32.00
C VAL A 452 9.45 -1.53 -31.34
N ASP A 453 8.61 -2.51 -31.70
CA ASP A 453 8.72 -3.84 -31.11
C ASP A 453 9.00 -4.96 -32.09
N GLY A 454 9.36 -4.72 -33.32
CA GLY A 454 9.51 -6.02 -34.00
C GLY A 454 10.77 -6.84 -33.76
N LEU A 455 11.52 -6.62 -32.69
CA LEU A 455 12.97 -6.75 -32.80
C LEU A 455 13.52 -8.09 -32.33
N THR A 456 14.73 -8.39 -32.81
CA THR A 456 15.52 -9.51 -32.31
C THR A 456 16.73 -8.95 -31.58
N SER A 457 17.41 -9.82 -30.84
CA SER A 457 18.61 -9.39 -30.12
C SER A 457 19.71 -8.90 -31.05
N ALA A 458 19.65 -9.23 -32.33
CA ALA A 458 20.68 -8.81 -33.27
C ALA A 458 20.50 -7.40 -33.78
N ASP A 459 19.35 -6.77 -33.53
CA ASP A 459 19.04 -5.48 -34.12
C ASP A 459 19.90 -4.38 -33.47
N ASP A 460 19.73 -3.14 -33.96
CA ASP A 460 20.70 -2.09 -33.70
C ASP A 460 20.74 -1.66 -32.21
N PHE A 461 19.69 -1.06 -31.67
CA PHE A 461 19.56 -0.62 -30.27
C PHE A 461 20.46 0.53 -29.85
N SER A 462 21.21 1.17 -30.76
CA SER A 462 21.94 2.38 -30.40
C SER A 462 20.94 3.48 -30.09
N ASP A 463 21.27 4.32 -29.11
CA ASP A 463 20.45 5.46 -28.70
C ASP A 463 19.07 5.05 -28.18
N ASP A 464 18.92 3.82 -27.69
CA ASP A 464 17.68 3.39 -27.06
C ASP A 464 17.42 4.30 -25.86
N LEU A 465 16.18 4.80 -25.72
CA LEU A 465 15.88 5.55 -24.49
C LEU A 465 15.92 4.62 -23.29
N LEU A 466 15.68 3.33 -23.48
CA LEU A 466 15.91 2.34 -22.43
C LEU A 466 17.40 2.09 -22.36
N GLU A 467 18.03 2.43 -21.24
CA GLU A 467 19.47 2.32 -21.09
C GLU A 467 19.80 1.17 -20.15
N LEU A 468 20.80 0.38 -20.53
CA LEU A 468 21.28 -0.70 -19.70
C LEU A 468 21.54 -0.23 -18.27
N LEU A 469 21.04 -1.00 -17.29
CA LEU A 469 21.03 -0.56 -15.90
C LEU A 469 21.71 -1.56 -14.98
N PHE A 470 21.38 -2.84 -15.12
CA PHE A 470 21.84 -3.90 -14.23
C PHE A 470 22.11 -5.14 -15.07
N GLU A 471 23.21 -5.82 -14.77
CA GLU A 471 23.50 -7.07 -15.46
C GLU A 471 24.35 -7.97 -14.59
N ASP A 472 23.90 -9.21 -14.40
CA ASP A 472 24.69 -10.26 -13.76
C ASP A 472 25.27 -9.79 -12.43
N GLY A 473 24.42 -9.14 -11.64
CA GLY A 473 24.75 -8.77 -10.28
C GLY A 473 25.28 -7.37 -10.09
N LYS A 474 25.53 -6.62 -11.17
CA LYS A 474 26.18 -5.31 -11.09
C LYS A 474 25.21 -4.21 -11.50
N LEU A 475 25.10 -3.16 -10.67
CA LEU A 475 24.45 -1.92 -11.08
C LEU A 475 25.42 -1.19 -12.00
N LEU A 476 25.11 -1.12 -13.28
CA LEU A 476 26.06 -0.63 -14.28
C LEU A 476 25.96 0.87 -14.47
N ARG A 477 24.90 1.48 -13.96
CA ARG A 477 24.61 2.88 -14.22
C ARG A 477 23.93 3.39 -12.97
N GLN A 478 24.46 4.45 -12.36
CA GLN A 478 23.79 4.97 -11.18
C GLN A 478 23.61 6.47 -11.28
N THR A 479 22.57 6.94 -10.61
CA THR A 479 22.15 8.32 -10.65
C THR A 479 22.00 8.81 -9.23
N ASP A 480 21.98 10.12 -9.04
CA ASP A 480 21.66 10.65 -7.74
C ASP A 480 20.39 11.48 -7.86
N PHE A 481 19.98 12.08 -6.75
CA PHE A 481 18.63 12.61 -6.82
C PHE A 481 18.67 13.98 -7.49
N ASP A 482 19.85 14.60 -7.57
CA ASP A 482 20.02 15.83 -8.34
C ASP A 482 19.79 15.57 -9.83
N GLU A 483 20.38 14.49 -10.37
CA GLU A 483 20.18 14.21 -11.78
C GLU A 483 18.73 13.91 -12.08
N ILE A 484 18.05 13.21 -11.16
CA ILE A 484 16.65 12.89 -11.39
C ILE A 484 15.83 14.18 -11.48
N ARG A 485 16.04 15.08 -10.53
CA ARG A 485 15.29 16.34 -10.56
C ARG A 485 15.69 17.17 -11.77
N GLN A 486 16.97 17.13 -12.16
CA GLN A 486 17.38 17.87 -13.36
C GLN A 486 16.69 17.31 -14.60
N ASN A 487 16.67 15.98 -14.73
CA ASN A 487 15.96 15.33 -15.82
C ASN A 487 14.52 15.78 -15.88
N LEU A 488 13.92 15.96 -14.72
CA LEU A 488 12.50 16.22 -14.72
C LEU A 488 12.24 17.70 -15.03
N LEU A 489 13.18 18.57 -14.65
CA LEU A 489 13.17 19.98 -15.08
C LEU A 489 13.17 20.11 -16.60
N VAL A 490 14.10 19.43 -17.29
CA VAL A 490 14.20 19.54 -18.74
C VAL A 490 12.96 18.97 -19.40
N SER A 491 12.28 18.04 -18.74
CA SER A 491 11.09 17.42 -19.29
C SER A 491 10.00 18.45 -19.59
N LEU B 5 12.11 -13.89 11.36
CA LEU B 5 13.04 -15.00 11.53
C LEU B 5 14.44 -14.65 10.99
N ASN B 6 15.05 -15.51 10.17
CA ASN B 6 16.49 -15.47 9.95
C ASN B 6 16.94 -14.65 8.74
N TYR B 7 16.05 -13.89 8.12
CA TYR B 7 16.50 -13.03 7.03
C TYR B 7 16.48 -11.58 7.49
N SER B 8 17.10 -10.71 6.69
CA SER B 8 17.21 -9.31 7.03
C SER B 8 17.08 -8.42 5.79
N SER B 9 16.39 -7.28 5.95
CA SER B 9 16.42 -6.21 4.95
C SER B 9 17.21 -5.03 5.47
N ARG B 10 18.01 -4.41 4.59
CA ARG B 10 18.66 -3.16 4.98
C ARG B 10 17.59 -2.09 5.11
N ALA B 11 17.77 -1.21 6.09
CA ALA B 11 16.76 -0.21 6.37
C ALA B 11 17.41 1.17 6.45
N SER B 12 16.62 2.18 6.09
CA SER B 12 17.08 3.56 6.20
C SER B 12 16.31 4.37 7.22
N ALA B 13 15.16 3.91 7.65
CA ALA B 13 14.29 4.71 8.52
C ALA B 13 14.93 4.86 9.89
N ILE B 14 15.14 6.11 10.30
CA ILE B 14 15.74 6.43 11.58
C ILE B 14 14.71 6.22 12.69
N PRO B 15 14.97 5.32 13.67
CA PRO B 15 13.94 5.00 14.68
C PRO B 15 13.42 6.22 15.41
N SER B 16 14.28 7.14 15.80
CA SER B 16 13.81 8.29 16.56
C SER B 16 13.14 9.32 15.66
N LEU B 17 13.00 9.01 14.37
CA LEU B 17 12.32 9.85 13.40
C LEU B 17 11.30 9.05 12.58
N LEU B 18 10.67 8.03 13.17
CA LEU B 18 9.63 7.25 12.47
C LEU B 18 8.26 7.85 12.72
N CYS B 19 8.08 9.03 12.13
CA CYS B 19 6.89 9.81 12.40
C CYS B 19 6.77 10.86 11.33
N ASP B 20 5.56 11.42 11.20
CA ASP B 20 5.37 12.68 10.48
C ASP B 20 6.30 13.72 11.06
N PHE B 21 6.81 14.54 10.18
CA PHE B 21 7.80 15.49 10.60
C PHE B 21 7.36 16.36 11.79
N TYR B 22 6.12 16.81 11.79
CA TYR B 22 5.67 17.84 12.72
C TYR B 22 5.54 17.24 14.13
N LYS B 23 5.52 15.91 14.25
CA LYS B 23 5.56 15.31 15.58
C LYS B 23 6.84 15.65 16.33
N THR B 24 7.94 15.94 15.63
CA THR B 24 9.15 16.33 16.36
C THR B 24 8.97 17.68 17.06
N SER B 25 8.01 18.49 16.63
CA SER B 25 7.80 19.79 17.23
C SER B 25 6.75 19.79 18.35
N HIS B 26 6.03 18.68 18.57
CA HIS B 26 4.90 18.71 19.48
C HIS B 26 5.29 18.70 20.95
N ARG B 27 6.40 18.06 21.31
CA ARG B 27 6.75 17.87 22.71
C ARG B 27 6.75 19.19 23.47
N ILE B 28 7.40 20.23 22.90
CA ILE B 28 7.47 21.51 23.61
C ILE B 28 6.22 22.34 23.45
N MET B 29 5.28 21.91 22.58
CA MET B 29 4.01 22.61 22.42
C MET B 29 2.98 22.22 23.45
N TYR B 30 3.12 21.06 24.08
CA TYR B 30 2.17 20.63 25.08
C TYR B 30 2.31 21.49 26.33
N PRO B 31 1.27 21.54 27.17
CA PRO B 31 1.34 22.37 28.38
C PRO B 31 2.51 21.96 29.27
N GLU B 32 3.02 22.93 30.02
CA GLU B 32 3.98 22.61 31.06
C GLU B 32 3.35 21.62 32.03
N CYS B 33 4.16 20.69 32.53
CA CYS B 33 3.73 19.68 33.50
C CYS B 33 2.84 18.62 32.88
N SER B 34 2.85 18.49 31.55
CA SER B 34 2.20 17.36 30.91
C SER B 34 2.85 16.06 31.36
N GLN B 35 2.03 15.06 31.69
CA GLN B 35 2.58 13.82 32.24
C GLN B 35 2.16 12.57 31.49
N ILE B 36 0.88 12.42 31.20
CA ILE B 36 0.34 11.23 30.54
C ILE B 36 -0.53 11.64 29.37
N ILE B 37 -0.33 10.99 28.22
CA ILE B 37 -1.23 11.10 27.08
C ILE B 37 -1.80 9.71 26.79
N TYR B 38 -3.12 9.61 26.72
CA TYR B 38 -3.85 8.37 26.47
C TYR B 38 -4.60 8.52 25.15
N SER B 39 -4.41 7.55 24.26
CA SER B 39 -5.00 7.59 22.93
C SER B 39 -5.66 6.26 22.60
N THR B 40 -6.65 6.32 21.72
CA THR B 40 -7.42 5.15 21.30
C THR B 40 -7.33 5.02 19.79
N PHE B 41 -7.31 3.77 19.32
CA PHE B 41 -7.32 3.46 17.88
C PHE B 41 -8.68 2.86 17.55
N THR B 42 -9.44 3.54 16.68
CA THR B 42 -10.84 3.19 16.41
C THR B 42 -11.14 3.16 14.91
N PRO B 43 -11.82 2.11 14.40
CA PRO B 43 -12.44 2.21 13.07
C PRO B 43 -13.74 3.00 13.16
N ARG B 44 -13.72 4.23 12.66
CA ARG B 44 -14.82 5.15 12.93
C ARG B 44 -15.99 5.05 11.95
N SER B 45 -15.83 4.45 10.78
CA SER B 45 -16.91 4.53 9.82
C SER B 45 -16.72 3.48 8.76
N ASN B 46 -17.83 2.87 8.39
CA ASN B 46 -17.80 2.06 7.19
C ASN B 46 -18.81 2.53 6.09
N GLU B 47 -19.33 3.80 6.00
CA GLU B 47 -20.20 4.00 4.82
C GLU B 47 -19.54 3.71 3.50
N GLN B 48 -18.23 3.90 3.40
CA GLN B 48 -17.57 3.63 2.16
C GLN B 48 -17.58 2.15 1.86
N ALA B 49 -17.91 1.28 2.82
CA ALA B 49 -17.95 -0.15 2.57
C ALA B 49 -18.93 -0.74 3.58
N PRO B 50 -20.22 -0.47 3.42
CA PRO B 50 -21.21 -0.87 4.44
C PRO B 50 -21.29 -2.35 4.69
N TYR B 51 -20.79 -3.19 3.78
CA TYR B 51 -20.79 -4.62 4.03
C TYR B 51 -19.78 -5.02 5.10
N LEU B 52 -18.89 -4.12 5.51
CA LEU B 52 -17.95 -4.43 6.58
C LEU B 52 -18.60 -4.04 7.91
N THR B 53 -19.40 -4.96 8.47
CA THR B 53 -20.13 -4.70 9.70
C THR B 53 -19.36 -5.15 10.94
N GLN B 54 -18.21 -5.79 10.75
CA GLN B 54 -17.43 -6.40 11.81
C GLN B 54 -15.99 -6.09 11.50
N VAL B 55 -15.28 -5.51 12.45
CA VAL B 55 -13.86 -5.25 12.28
C VAL B 55 -13.12 -6.36 12.99
N VAL B 56 -12.28 -7.07 12.24
CA VAL B 56 -11.47 -8.15 12.80
C VAL B 56 -10.19 -7.56 13.40
N SER B 57 -9.97 -7.83 14.69
CA SER B 57 -8.70 -7.43 15.28
C SER B 57 -7.59 -8.31 14.71
N PHE B 58 -6.57 -7.69 14.12
CA PHE B 58 -5.47 -8.46 13.57
C PHE B 58 -4.28 -7.56 13.26
N GLY B 59 -3.09 -8.02 13.59
CA GLY B 59 -1.86 -7.35 13.21
C GLY B 59 -1.03 -6.86 14.38
N PHE B 60 -1.64 -6.70 15.57
CA PHE B 60 -0.94 -6.09 16.70
C PHE B 60 0.34 -6.83 17.06
N GLN B 61 0.26 -8.15 17.24
CA GLN B 61 1.43 -8.91 17.69
C GLN B 61 2.58 -8.76 16.71
N ALA B 62 2.30 -8.86 15.41
CA ALA B 62 3.38 -8.72 14.42
C ALA B 62 3.94 -7.30 14.44
N PHE B 63 3.06 -6.29 14.59
CA PHE B 63 3.54 -4.91 14.66
C PHE B 63 4.42 -4.68 15.89
N ILE B 64 3.99 -5.16 17.07
CA ILE B 64 4.76 -5.00 18.29
C ILE B 64 6.13 -5.65 18.16
N ILE B 65 6.16 -6.89 17.69
CA ILE B 65 7.43 -7.61 17.61
C ILE B 65 8.36 -6.97 16.59
N LYS B 66 7.84 -6.71 15.38
CA LYS B 66 8.67 -6.16 14.29
C LYS B 66 9.24 -4.80 14.63
N TYR B 67 8.39 -3.88 15.09
CA TYR B 67 8.76 -2.48 15.23
C TYR B 67 9.04 -2.08 16.67
N LEU B 68 8.08 -2.24 17.57
CA LEU B 68 8.26 -1.70 18.91
C LEU B 68 9.34 -2.46 19.67
N ILE B 69 9.53 -3.75 19.37
CA ILE B 69 10.60 -4.52 19.98
C ILE B 69 11.84 -4.57 19.09
N HIS B 70 11.79 -5.32 17.98
CA HIS B 70 13.02 -5.59 17.23
C HIS B 70 13.61 -4.34 16.56
N TYR B 71 12.78 -3.56 15.86
CA TYR B 71 13.33 -2.39 15.15
C TYR B 71 13.99 -1.41 16.13
N PHE B 72 13.31 -1.09 17.23
CA PHE B 72 13.90 -0.16 18.19
C PHE B 72 15.07 -0.79 18.95
N ASN B 73 14.99 -2.09 19.29
CA ASN B 73 16.14 -2.71 19.96
C ASN B 73 17.32 -2.83 19.02
N ASP B 74 17.08 -3.30 17.79
CA ASP B 74 18.19 -3.51 16.84
C ASP B 74 18.83 -2.18 16.45
N ASN B 75 18.03 -1.13 16.32
CA ASN B 75 18.53 0.05 15.65
C ASN B 75 18.62 1.27 16.56
N PHE B 76 18.20 1.17 17.82
CA PHE B 76 18.22 2.34 18.68
C PHE B 76 18.83 1.98 20.04
N PHE B 77 18.12 1.16 20.83
CA PHE B 77 18.60 0.86 22.18
C PHE B 77 19.92 0.09 22.16
N SER B 78 20.15 -0.76 21.16
CA SER B 78 21.43 -1.44 20.98
C SER B 78 22.58 -0.52 20.60
N ARG B 79 22.28 0.64 20.02
CA ARG B 79 23.31 1.46 19.39
C ARG B 79 23.91 2.45 20.37
N ASP B 80 25.10 2.92 20.03
CA ASP B 80 25.80 3.94 20.82
C ASP B 80 24.93 5.19 20.99
N LYS B 81 24.74 5.62 22.24
CA LYS B 81 23.85 6.74 22.52
C LYS B 81 24.29 8.02 21.82
N HIS B 82 25.58 8.35 21.92
CA HIS B 82 26.09 9.56 21.29
C HIS B 82 25.83 9.56 19.79
N ASP B 83 26.04 8.43 19.12
CA ASP B 83 25.81 8.36 17.67
C ASP B 83 24.34 8.54 17.33
N VAL B 84 23.45 7.94 18.12
CA VAL B 84 22.00 8.02 17.85
C VAL B 84 21.50 9.44 18.03
N VAL B 85 21.80 10.04 19.17
CA VAL B 85 21.70 11.48 19.34
C VAL B 85 22.75 11.94 18.33
N THR B 86 22.87 13.21 18.05
CA THR B 86 23.80 13.66 17.01
C THR B 86 23.21 13.36 15.65
N GLU B 87 22.89 12.09 15.35
CA GLU B 87 22.19 11.82 14.10
C GLU B 87 20.85 12.52 14.08
N TYR B 88 20.09 12.39 15.17
CA TYR B 88 18.82 13.09 15.30
C TYR B 88 19.01 14.60 15.24
N SER B 89 19.92 15.14 16.06
CA SER B 89 20.10 16.59 16.11
C SER B 89 20.57 17.16 14.79
N ALA B 90 21.54 16.49 14.15
CA ALA B 90 22.02 17.01 12.86
C ALA B 90 20.89 17.06 11.85
N PHE B 91 20.02 16.05 11.88
CA PHE B 91 18.92 15.98 10.93
C PHE B 91 17.95 17.15 11.15
N ILE B 92 17.62 17.43 12.41
CA ILE B 92 16.73 18.54 12.72
C ILE B 92 17.36 19.87 12.37
N GLU B 93 18.67 20.01 12.64
CA GLU B 93 19.33 21.28 12.36
C GLU B 93 19.34 21.59 10.86
N LYS B 94 19.44 20.61 10.00
CA LYS B 94 19.47 20.86 8.57
C LYS B 94 18.04 20.93 8.09
N THR B 95 17.31 19.81 8.20
CA THR B 95 15.87 19.71 7.82
C THR B 95 15.18 20.43 8.92
N LEU B 96 14.36 21.38 8.58
CA LEU B 96 13.87 22.29 9.63
C LEU B 96 15.15 23.03 9.93
N GLN B 97 15.05 24.23 10.35
CA GLN B 97 16.32 24.95 10.50
C GLN B 97 16.20 25.46 11.91
N LEU B 98 16.56 24.59 12.81
CA LEU B 98 16.42 24.90 14.25
C LEU B 98 17.33 23.97 15.01
N GLU B 99 17.66 24.34 16.22
CA GLU B 99 18.61 23.55 17.01
C GLU B 99 17.86 22.74 18.08
N ASP B 100 17.88 21.41 17.99
CA ASP B 100 17.33 20.45 18.95
C ASP B 100 18.50 19.66 19.52
N THR B 101 18.80 19.82 20.82
CA THR B 101 19.90 19.07 21.41
C THR B 101 19.63 17.57 21.43
N GLY B 102 18.37 17.17 21.31
CA GLY B 102 18.01 15.76 21.39
C GLY B 102 18.12 15.17 22.77
N GLU B 103 17.99 16.00 23.82
CA GLU B 103 18.14 15.45 25.17
C GLU B 103 17.09 14.38 25.42
N HIS B 104 15.87 14.65 24.98
CA HIS B 104 14.77 13.72 25.19
C HIS B 104 15.03 12.38 24.51
N ILE B 105 15.71 12.40 23.35
CA ILE B 105 16.09 11.14 22.71
C ILE B 105 17.12 10.43 23.57
N ALA B 106 18.06 11.19 24.15
CA ALA B 106 19.05 10.59 25.03
C ALA B 106 18.39 9.96 26.25
N LYS B 107 17.43 10.64 26.83
CA LYS B 107 16.76 10.08 28.00
C LYS B 107 16.01 8.82 27.62
N LEU B 108 15.27 8.85 26.49
CA LEU B 108 14.60 7.64 26.03
C LEU B 108 15.60 6.49 25.89
N HIS B 109 16.76 6.77 25.28
CA HIS B 109 17.79 5.75 25.12
C HIS B 109 18.25 5.21 26.46
N GLU B 110 18.49 6.11 27.41
CA GLU B 110 18.99 5.71 28.72
C GLU B 110 18.01 4.80 29.45
N LEU B 111 16.72 5.04 29.24
CA LEU B 111 15.70 4.19 29.84
C LEU B 111 15.82 2.75 29.34
N GLY B 112 16.13 2.58 28.05
CA GLY B 112 16.36 1.25 27.50
C GLY B 112 15.14 0.55 26.94
N TYR B 113 13.97 1.16 27.00
CA TYR B 113 12.75 0.55 26.47
C TYR B 113 11.76 1.67 26.20
N LEU B 114 10.73 1.35 25.40
CA LEU B 114 9.64 2.29 25.15
C LEU B 114 8.69 2.30 26.34
N PRO B 115 8.58 3.42 27.08
CA PRO B 115 7.67 3.50 28.24
C PRO B 115 6.22 3.66 27.81
N ILE B 116 5.66 2.56 27.30
CA ILE B 116 4.35 2.53 26.65
C ILE B 116 3.56 1.32 27.16
N ARG B 117 2.28 1.48 27.44
CA ARG B 117 1.36 0.34 27.61
C ARG B 117 0.24 0.38 26.59
N ILE B 118 0.02 -0.78 25.98
CA ILE B 118 -0.96 -0.99 24.95
C ILE B 118 -1.90 -2.09 25.39
N LYS B 119 -3.20 -1.81 25.30
CA LYS B 119 -4.22 -2.84 25.42
C LYS B 119 -4.88 -2.96 24.05
N ALA B 120 -5.31 -4.16 23.70
CA ALA B 120 -5.93 -4.31 22.39
C ALA B 120 -6.90 -5.48 22.44
N ILE B 121 -7.88 -5.43 21.56
CA ILE B 121 -8.78 -6.57 21.44
C ILE B 121 -8.00 -7.79 20.96
N PRO B 122 -8.18 -8.97 21.58
CA PRO B 122 -7.45 -10.16 21.13
C PRO B 122 -7.69 -10.42 19.65
N GLU B 123 -6.63 -10.84 18.97
CA GLU B 123 -6.69 -10.98 17.52
C GLU B 123 -7.61 -12.14 17.14
N GLY B 124 -8.47 -11.92 16.16
CA GLY B 124 -9.48 -12.89 15.80
C GLY B 124 -10.83 -12.64 16.41
N LYS B 125 -10.90 -11.84 17.47
CA LYS B 125 -12.20 -11.33 17.91
C LYS B 125 -12.61 -10.14 17.04
N THR B 126 -13.90 -9.85 17.01
CA THR B 126 -14.42 -8.79 16.15
C THR B 126 -15.21 -7.79 16.99
N VAL B 127 -15.31 -6.57 16.48
CA VAL B 127 -16.11 -5.52 17.09
C VAL B 127 -16.92 -4.82 16.02
N ALA B 128 -17.99 -4.16 16.47
CA ALA B 128 -18.76 -3.28 15.61
C ALA B 128 -17.95 -2.03 15.26
N ILE B 129 -18.33 -1.41 14.15
CA ILE B 129 -17.81 -0.09 13.80
C ILE B 129 -17.98 0.86 14.96
N LYS B 130 -16.99 1.73 15.18
CA LYS B 130 -16.93 2.79 16.17
C LYS B 130 -16.51 2.29 17.54
N VAL B 131 -16.21 1.00 17.68
CA VAL B 131 -15.69 0.46 18.94
C VAL B 131 -14.17 0.46 18.90
N PRO B 132 -13.50 1.00 19.93
CA PRO B 132 -12.04 1.02 19.93
C PRO B 132 -11.46 -0.37 19.92
N VAL B 133 -10.34 -0.53 19.20
CA VAL B 133 -9.66 -1.81 19.12
C VAL B 133 -8.34 -1.79 19.84
N MET B 134 -7.85 -0.61 20.23
CA MET B 134 -6.55 -0.54 20.89
C MET B 134 -6.47 0.77 21.67
N THR B 135 -5.76 0.74 22.78
CA THR B 135 -5.46 1.96 23.52
C THR B 135 -3.97 2.00 23.78
N ILE B 136 -3.41 3.19 23.90
CA ILE B 136 -1.99 3.36 24.15
C ILE B 136 -1.78 4.58 25.06
N GLU B 137 -0.86 4.45 26.03
CA GLU B 137 -0.46 5.54 26.89
C GLU B 137 1.00 5.36 27.28
N ASN B 138 1.64 6.44 27.71
CA ASN B 138 3.01 6.34 28.22
C ASN B 138 2.99 6.00 29.71
N THR B 139 4.06 5.38 30.17
CA THR B 139 4.12 4.88 31.55
C THR B 139 5.08 5.68 32.42
N HIS B 140 5.87 6.57 31.82
CA HIS B 140 6.78 7.44 32.54
C HIS B 140 6.46 8.88 32.15
N SER B 141 6.37 9.74 33.16
CA SER B 141 5.85 11.09 32.97
C SER B 141 6.72 11.97 32.09
N ASP B 142 8.02 11.68 31.95
CA ASP B 142 8.83 12.48 31.04
C ASP B 142 8.50 12.24 29.57
N PHE B 143 7.72 11.21 29.27
CA PHE B 143 7.54 10.72 27.91
C PHE B 143 6.08 10.84 27.50
N PHE B 144 5.42 11.85 28.08
CA PHE B 144 4.09 12.25 27.64
C PHE B 144 4.03 12.39 26.13
N TRP B 145 5.10 12.89 25.51
CA TRP B 145 5.15 13.14 24.06
C TRP B 145 5.16 11.86 23.22
N LEU B 146 5.54 10.73 23.81
CA LEU B 146 5.79 9.53 23.02
C LEU B 146 4.52 8.88 22.48
N THR B 147 3.38 9.02 23.19
CA THR B 147 2.16 8.34 22.78
C THR B 147 1.70 8.75 21.38
N ASN B 148 1.41 10.04 21.16
CA ASN B 148 1.13 10.57 19.82
C ASN B 148 2.33 10.61 18.89
N TYR B 149 3.56 10.69 19.41
CA TYR B 149 4.72 10.57 18.54
C TYR B 149 4.62 9.32 17.68
N LEU B 150 4.09 8.23 18.24
CA LEU B 150 4.01 6.94 17.58
C LEU B 150 2.78 6.80 16.69
N GLU B 151 1.93 7.84 16.60
CA GLU B 151 0.68 7.74 15.84
C GLU B 151 0.96 7.35 14.39
N THR B 152 1.97 7.96 13.78
CA THR B 152 2.19 7.76 12.35
C THR B 152 2.54 6.30 12.09
N LEU B 153 3.44 5.76 12.92
CA LEU B 153 3.90 4.38 12.77
C LEU B 153 2.78 3.38 13.07
N ILE B 154 1.93 3.68 14.04
CA ILE B 154 0.86 2.76 14.38
C ILE B 154 -0.12 2.62 13.23
N ASN B 155 -0.56 3.71 12.62
CA ASN B 155 -1.54 3.29 11.63
C ASN B 155 -0.96 3.08 10.24
N VAL B 156 0.25 3.55 9.93
CA VAL B 156 0.82 3.17 8.63
C VAL B 156 1.01 1.66 8.60
N SER B 157 1.16 1.05 9.75
CA SER B 157 1.43 -0.37 9.75
C SER B 157 0.21 -1.22 10.10
N LEU B 158 -0.85 -0.67 10.72
CA LEU B 158 -1.95 -1.50 11.21
C LEU B 158 -3.28 -1.38 10.46
N TRP B 159 -3.58 -0.27 9.76
CA TRP B 159 -4.93 -0.19 9.18
C TRP B 159 -5.10 -1.19 8.04
N GLN B 160 -4.02 -1.51 7.29
CA GLN B 160 -4.13 -2.45 6.18
C GLN B 160 -4.38 -3.89 6.64
N PRO B 161 -3.64 -4.46 7.59
CA PRO B 161 -3.97 -5.83 8.01
C PRO B 161 -5.38 -5.97 8.54
N MET B 162 -5.88 -4.99 9.31
CA MET B 162 -7.25 -5.13 9.81
C MET B 162 -8.28 -4.91 8.73
N THR B 163 -7.99 -4.04 7.77
CA THR B 163 -8.94 -3.86 6.68
C THR B 163 -8.99 -5.12 5.82
N SER B 164 -7.84 -5.69 5.49
CA SER B 164 -7.85 -6.93 4.73
C SER B 164 -8.53 -8.06 5.49
N ALA B 165 -8.24 -8.19 6.80
CA ALA B 165 -8.89 -9.23 7.58
C ALA B 165 -10.41 -9.02 7.63
N SER B 166 -10.84 -7.75 7.73
CA SER B 166 -12.28 -7.49 7.82
C SER B 166 -12.96 -7.76 6.48
N ILE B 167 -12.28 -7.46 5.37
CA ILE B 167 -12.84 -7.74 4.04
C ILE B 167 -13.01 -9.25 3.87
N ALA B 168 -11.96 -10.02 4.19
CA ALA B 168 -12.02 -11.48 4.07
C ALA B 168 -13.13 -12.06 4.94
N PHE B 169 -13.31 -11.52 6.15
CA PHE B 169 -14.38 -11.97 7.02
C PHE B 169 -15.74 -11.71 6.36
N ALA B 170 -15.90 -10.56 5.70
CA ALA B 170 -17.16 -10.23 5.05
C ALA B 170 -17.41 -11.11 3.82
N TYR B 171 -16.35 -11.38 3.05
CA TYR B 171 -16.47 -12.36 1.96
C TYR B 171 -16.94 -13.70 2.52
N ARG B 172 -16.32 -14.14 3.61
CA ARG B 172 -16.65 -15.46 4.13
C ARG B 172 -18.10 -15.49 4.61
N THR B 173 -18.58 -14.40 5.22
CA THR B 173 -19.97 -14.33 5.62
C THR B 173 -20.90 -14.55 4.43
N ALA B 174 -20.65 -13.84 3.33
CA ALA B 174 -21.48 -13.99 2.15
C ALA B 174 -21.37 -15.40 1.57
N LEU B 175 -20.14 -15.93 1.49
CA LEU B 175 -19.96 -17.27 0.93
C LEU B 175 -20.66 -18.32 1.79
N ILE B 176 -20.56 -18.19 3.11
CA ILE B 176 -21.27 -19.11 4.01
C ILE B 176 -22.75 -19.01 3.78
N LYS B 177 -23.22 -17.82 3.51
CA LYS B 177 -24.66 -17.60 3.47
C LYS B 177 -25.24 -18.20 2.19
N PHE B 178 -24.52 -18.07 1.08
CA PHE B 178 -24.90 -18.76 -0.15
C PHE B 178 -24.78 -20.27 0.00
N ALA B 179 -23.80 -20.76 0.77
CA ALA B 179 -23.64 -22.20 0.97
C ALA B 179 -24.83 -22.77 1.72
N ASN B 180 -25.34 -22.02 2.70
CA ASN B 180 -26.52 -22.47 3.44
C ASN B 180 -27.73 -22.62 2.54
N GLU B 181 -27.88 -21.79 1.50
CA GLU B 181 -28.92 -22.19 0.56
C GLU B 181 -28.53 -23.05 -0.62
N THR B 182 -27.31 -23.12 -1.08
CA THR B 182 -27.22 -23.84 -2.33
C THR B 182 -26.40 -25.11 -2.20
N CYS B 183 -25.75 -25.35 -1.06
CA CYS B 183 -24.87 -26.49 -0.91
C CYS B 183 -25.30 -27.35 0.28
N ASP B 184 -24.85 -28.59 0.25
CA ASP B 184 -25.14 -29.52 1.33
C ASP B 184 -24.19 -29.38 2.51
N ASN B 185 -23.11 -28.63 2.35
CA ASN B 185 -22.08 -28.45 3.36
C ASN B 185 -21.22 -27.26 2.95
N GLN B 186 -20.27 -26.89 3.83
CA GLN B 186 -19.44 -25.72 3.63
C GLN B 186 -17.97 -26.08 3.47
N GLU B 187 -17.67 -27.31 3.06
CA GLU B 187 -16.29 -27.76 2.98
C GLU B 187 -15.48 -27.00 1.92
N HIS B 188 -16.15 -26.39 0.94
CA HIS B 188 -15.48 -25.62 -0.09
C HIS B 188 -15.12 -24.21 0.37
N VAL B 189 -15.81 -23.69 1.41
CA VAL B 189 -15.69 -22.26 1.74
C VAL B 189 -14.28 -21.84 2.06
N PRO B 190 -13.49 -22.56 2.86
CA PRO B 190 -12.11 -22.11 3.14
C PRO B 190 -11.25 -21.93 1.92
N PHE B 191 -11.61 -22.55 0.79
CA PHE B 191 -10.82 -22.47 -0.42
C PHE B 191 -11.41 -21.54 -1.46
N GLN B 192 -12.60 -20.97 -1.20
CA GLN B 192 -13.37 -20.30 -2.24
C GLN B 192 -12.93 -18.86 -2.52
N SER B 193 -12.20 -18.25 -1.58
CA SER B 193 -11.52 -16.96 -1.80
C SER B 193 -10.01 -17.20 -1.74
N HIS B 194 -9.35 -17.07 -2.88
CA HIS B 194 -7.94 -17.38 -3.03
C HIS B 194 -7.19 -16.08 -3.36
N ASP B 195 -6.27 -15.66 -2.49
CA ASP B 195 -5.62 -14.36 -2.64
C ASP B 195 -4.73 -14.33 -3.89
N PHE B 196 -5.06 -13.43 -4.82
CA PHE B 196 -4.32 -13.17 -6.05
C PHE B 196 -3.60 -11.81 -6.05
N SER B 197 -3.56 -11.12 -4.91
CA SER B 197 -3.29 -9.68 -4.90
C SER B 197 -1.81 -9.29 -4.91
N MET B 198 -0.87 -10.22 -4.71
CA MET B 198 0.50 -9.85 -4.37
C MET B 198 1.07 -8.81 -5.35
N ARG B 199 1.02 -9.09 -6.65
CA ARG B 199 1.69 -8.20 -7.61
C ARG B 199 1.08 -6.81 -7.64
N GLY B 200 -0.19 -6.67 -7.25
CA GLY B 200 -0.90 -5.42 -7.23
C GLY B 200 -0.86 -4.67 -5.91
N MET B 201 -0.23 -5.22 -4.89
CA MET B 201 0.00 -4.43 -3.67
C MET B 201 1.14 -3.45 -3.87
N SER B 202 1.19 -2.44 -2.99
CA SER B 202 2.08 -1.30 -3.21
C SER B 202 3.52 -1.53 -2.74
N SER B 203 3.77 -2.57 -1.95
CA SER B 203 5.11 -2.96 -1.53
C SER B 203 5.04 -4.39 -1.01
N LEU B 204 6.21 -5.02 -0.90
CA LEU B 204 6.27 -6.35 -0.31
C LEU B 204 5.73 -6.33 1.11
N GLU B 205 6.02 -5.28 1.88
CA GLU B 205 5.56 -5.25 3.28
C GLU B 205 4.04 -5.17 3.35
N SER B 206 3.42 -4.39 2.46
CA SER B 206 1.97 -4.32 2.39
C SER B 206 1.36 -5.63 1.89
N ALA B 207 2.04 -6.32 0.97
CA ALA B 207 1.59 -7.62 0.51
C ALA B 207 1.58 -8.64 1.64
N GLU B 208 2.57 -8.58 2.54
CA GLU B 208 2.66 -9.54 3.62
C GLU B 208 1.55 -9.32 4.64
N THR B 209 1.34 -8.07 5.07
CA THR B 209 0.31 -7.83 6.09
C THR B 209 -1.10 -7.96 5.53
N SER B 210 -1.35 -7.48 4.31
CA SER B 210 -2.65 -7.70 3.70
C SER B 210 -2.93 -9.18 3.50
N GLY B 211 -1.94 -9.90 2.97
CA GLY B 211 -2.13 -11.31 2.71
C GLY B 211 -2.27 -12.12 3.99
N ALA B 212 -1.61 -11.69 5.06
CA ALA B 212 -1.83 -12.33 6.35
C ALA B 212 -3.28 -12.09 6.81
N GLY B 213 -3.79 -10.88 6.61
CA GLY B 213 -5.20 -10.63 6.90
C GLY B 213 -6.16 -11.54 6.14
N HIS B 214 -5.90 -11.74 4.83
CA HIS B 214 -6.73 -12.69 4.08
C HIS B 214 -6.72 -14.08 4.72
N LEU B 215 -5.53 -14.54 5.14
CA LEU B 215 -5.39 -15.87 5.68
C LEU B 215 -6.14 -16.06 6.99
N THR B 216 -6.51 -14.99 7.70
CA THR B 216 -7.27 -15.19 8.94
C THR B 216 -8.63 -15.84 8.67
N SER B 217 -9.24 -15.61 7.50
CA SER B 217 -10.51 -16.24 7.13
C SER B 217 -10.43 -17.29 6.05
N PHE B 218 -9.31 -17.40 5.32
CA PHE B 218 -9.26 -18.34 4.21
C PHE B 218 -7.92 -19.05 4.18
N LEU B 219 -7.93 -20.25 3.56
CA LEU B 219 -6.70 -21.01 3.39
C LEU B 219 -6.00 -20.74 2.03
N GLY B 220 -6.74 -20.47 0.98
CA GLY B 220 -6.11 -20.36 -0.34
C GLY B 220 -5.40 -19.01 -0.54
N THR B 221 -4.15 -19.07 -1.00
CA THR B 221 -3.38 -17.87 -1.30
C THR B 221 -2.30 -18.20 -2.32
N ASP B 222 -2.01 -17.26 -3.26
CA ASP B 222 -0.69 -17.33 -3.89
C ASP B 222 0.35 -16.40 -3.27
N THR B 223 0.03 -15.59 -2.26
CA THR B 223 1.06 -14.70 -1.69
C THR B 223 1.94 -15.49 -0.74
N ILE B 224 2.97 -16.15 -1.29
CA ILE B 224 3.86 -16.97 -0.46
C ILE B 224 4.45 -16.14 0.68
N PRO B 225 4.93 -14.91 0.46
CA PRO B 225 5.46 -14.14 1.60
C PRO B 225 4.46 -13.90 2.72
N ALA B 226 3.14 -13.93 2.46
CA ALA B 226 2.20 -13.85 3.57
C ALA B 226 2.26 -15.10 4.43
N LEU B 227 2.41 -16.28 3.79
CA LEU B 227 2.61 -17.51 4.55
C LEU B 227 3.81 -17.40 5.46
N SER B 228 4.94 -16.89 4.93
CA SER B 228 6.17 -16.82 5.71
C SER B 228 6.05 -15.78 6.82
N PHE B 229 5.32 -14.69 6.56
CA PHE B 229 5.07 -13.69 7.59
C PHE B 229 4.26 -14.28 8.74
N VAL B 230 3.16 -14.98 8.42
CA VAL B 230 2.36 -15.61 9.47
C VAL B 230 3.21 -16.63 10.23
N GLU B 231 3.93 -17.44 9.46
CA GLU B 231 4.87 -18.40 10.01
C GLU B 231 5.90 -17.72 10.93
N ALA B 232 6.35 -16.50 10.60
CA ALA B 232 7.38 -15.84 11.42
C ALA B 232 6.80 -15.19 12.67
N TYR B 233 5.64 -14.54 12.57
CA TYR B 233 5.12 -13.73 13.66
C TYR B 233 4.01 -14.41 14.45
N TYR B 234 3.41 -15.48 13.92
CA TYR B 234 2.33 -16.12 14.66
C TYR B 234 2.54 -17.62 14.82
N GLY B 235 2.82 -18.34 13.74
CA GLY B 235 2.97 -19.78 13.76
C GLY B 235 1.64 -20.52 13.81
N SER B 236 1.68 -21.79 13.43
CA SER B 236 0.53 -22.66 13.63
C SER B 236 1.03 -24.09 13.60
N SER B 237 0.24 -24.98 14.20
CA SER B 237 0.60 -26.39 14.24
C SER B 237 0.56 -27.04 12.85
N SER B 238 -0.40 -26.66 12.01
CA SER B 238 -0.56 -27.24 10.68
C SER B 238 -0.25 -26.22 9.58
N LEU B 239 -0.42 -26.66 8.32
CA LEU B 239 -0.15 -25.83 7.15
C LEU B 239 -1.00 -24.56 7.21
N ILE B 240 -0.35 -23.40 7.04
CA ILE B 240 -1.02 -22.12 7.16
C ILE B 240 -1.96 -21.87 5.98
N GLY B 241 -1.53 -22.21 4.78
CA GLY B 241 -2.36 -21.96 3.63
C GLY B 241 -2.05 -22.94 2.53
N THR B 242 -2.88 -22.93 1.50
CA THR B 242 -2.83 -23.91 0.42
C THR B 242 -2.87 -23.19 -0.91
N SER B 243 -2.36 -23.85 -1.93
CA SER B 243 -2.49 -23.36 -3.29
C SER B 243 -2.33 -24.55 -4.24
N ILE B 244 -2.39 -24.26 -5.54
CA ILE B 244 -2.32 -25.31 -6.57
C ILE B 244 -1.46 -24.83 -7.72
N PRO B 245 -0.85 -25.76 -8.44
CA PRO B 245 -0.19 -25.37 -9.70
C PRO B 245 -1.21 -24.72 -10.62
N ALA B 246 -0.75 -23.74 -11.41
CA ALA B 246 -1.63 -22.98 -12.28
C ALA B 246 -0.80 -22.40 -13.41
N SER B 247 -1.31 -22.49 -14.64
CA SER B 247 -0.56 -21.87 -15.74
C SER B 247 -0.85 -20.37 -15.78
N GLU B 248 0.02 -19.65 -16.48
CA GLU B 248 -0.16 -18.24 -16.84
C GLU B 248 -0.08 -18.10 -18.36
N HIS B 249 -0.38 -16.88 -18.85
CA HIS B 249 -0.49 -16.67 -20.30
C HIS B 249 0.82 -16.97 -21.03
N SER B 250 1.97 -16.60 -20.45
CA SER B 250 3.24 -16.85 -21.11
C SER B 250 3.52 -18.35 -21.31
N VAL B 251 3.16 -19.21 -20.35
CA VAL B 251 3.32 -20.64 -20.63
C VAL B 251 2.40 -21.11 -21.74
N MET B 252 1.13 -20.69 -21.72
CA MET B 252 0.23 -21.08 -22.80
C MET B 252 0.75 -20.62 -24.16
N SER B 253 1.12 -19.34 -24.30
CA SER B 253 1.52 -18.89 -25.62
C SER B 253 2.86 -19.49 -26.04
N SER B 254 3.73 -19.81 -25.08
CA SER B 254 5.02 -20.39 -25.43
C SER B 254 4.88 -21.76 -26.09
N HIS B 255 3.74 -22.41 -25.91
CA HIS B 255 3.49 -23.69 -26.58
C HIS B 255 2.76 -23.54 -27.92
N GLY B 256 2.46 -22.32 -28.35
CA GLY B 256 1.83 -22.09 -29.64
C GLY B 256 0.32 -22.15 -29.61
N VAL B 257 -0.27 -22.22 -30.80
CA VAL B 257 -1.72 -22.08 -30.94
C VAL B 257 -2.51 -23.36 -30.69
N ASP B 258 -1.86 -24.54 -30.73
CA ASP B 258 -2.55 -25.80 -30.41
C ASP B 258 -2.70 -25.96 -28.91
N GLU B 259 -3.72 -25.31 -28.34
CA GLU B 259 -3.92 -25.39 -26.90
C GLU B 259 -4.43 -26.77 -26.47
N LEU B 260 -4.99 -27.55 -27.39
CA LEU B 260 -5.38 -28.91 -27.01
C LEU B 260 -4.18 -29.71 -26.50
N SER B 261 -3.09 -29.77 -27.27
CA SER B 261 -1.86 -30.40 -26.80
C SER B 261 -1.38 -29.81 -25.48
N THR B 262 -1.43 -28.48 -25.36
CA THR B 262 -0.95 -27.81 -24.17
C THR B 262 -1.71 -28.23 -22.94
N PHE B 263 -3.05 -28.23 -23.01
CA PHE B 263 -3.84 -28.71 -21.88
C PHE B 263 -3.39 -30.12 -21.48
N ARG B 264 -3.28 -31.00 -22.47
CA ARG B 264 -2.91 -32.37 -22.22
C ARG B 264 -1.47 -32.46 -21.66
N TYR B 265 -0.57 -31.62 -22.17
CA TYR B 265 0.80 -31.53 -21.65
C TYR B 265 0.81 -31.10 -20.17
N LEU B 266 0.05 -30.06 -19.83
CA LEU B 266 0.07 -29.55 -18.45
C LEU B 266 -0.54 -30.57 -17.49
N MET B 267 -1.62 -31.22 -17.92
CA MET B 267 -2.27 -32.26 -17.11
C MET B 267 -1.33 -33.41 -16.80
N ALA B 268 -0.46 -33.78 -17.74
CA ALA B 268 0.53 -34.85 -17.51
C ALA B 268 1.62 -34.40 -16.55
N LYS B 269 1.92 -33.10 -16.50
CA LYS B 269 2.94 -32.59 -15.59
C LYS B 269 2.47 -32.57 -14.15
N PHE B 270 1.17 -32.53 -13.93
CA PHE B 270 0.59 -32.51 -12.59
C PHE B 270 -0.50 -33.57 -12.55
N PRO B 271 -0.11 -34.85 -12.59
CA PRO B 271 -1.11 -35.92 -12.67
C PRO B 271 -1.93 -36.11 -11.41
N HIS B 272 -1.45 -35.68 -10.24
CA HIS B 272 -2.18 -36.03 -9.04
C HIS B 272 -2.38 -34.76 -8.19
N ASN B 273 -2.49 -33.59 -8.84
CA ASN B 273 -2.72 -32.31 -8.19
C ASN B 273 -3.87 -31.60 -8.86
N MET B 274 -4.63 -30.82 -8.10
CA MET B 274 -5.53 -29.86 -8.73
C MET B 274 -4.70 -28.92 -9.60
N LEU B 275 -5.26 -28.52 -10.73
CA LEU B 275 -4.49 -27.80 -11.73
C LEU B 275 -5.37 -26.74 -12.40
N SER B 276 -4.99 -25.48 -12.26
CA SER B 276 -5.68 -24.38 -12.92
C SER B 276 -5.00 -24.09 -14.25
N ILE B 277 -5.78 -24.02 -15.31
CA ILE B 277 -5.25 -23.69 -16.63
C ILE B 277 -5.94 -22.43 -17.13
N VAL B 278 -5.16 -21.37 -17.34
CA VAL B 278 -5.74 -20.14 -17.88
C VAL B 278 -6.11 -20.38 -19.34
N SER B 279 -7.33 -19.99 -19.70
CA SER B 279 -7.99 -20.56 -20.87
C SER B 279 -8.28 -19.54 -21.97
N ASP B 280 -7.92 -18.27 -21.80
CA ASP B 280 -8.30 -17.23 -22.75
C ASP B 280 -7.11 -16.64 -23.48
N THR B 281 -6.00 -17.37 -23.59
CA THR B 281 -4.82 -16.79 -24.24
C THR B 281 -5.12 -16.44 -25.69
N THR B 282 -5.82 -17.32 -26.40
CA THR B 282 -6.12 -17.12 -27.82
C THR B 282 -7.62 -17.11 -28.11
N ASP B 283 -8.35 -18.13 -27.67
CA ASP B 283 -9.77 -18.24 -27.97
C ASP B 283 -10.44 -19.03 -26.84
N PHE B 284 -10.98 -18.29 -25.86
CA PHE B 284 -11.56 -18.92 -24.67
C PHE B 284 -12.69 -19.89 -25.03
N TRP B 285 -13.65 -19.45 -25.82
CA TRP B 285 -14.81 -20.32 -26.05
C TRP B 285 -14.45 -21.52 -26.91
N HIS B 286 -13.41 -21.41 -27.74
CA HIS B 286 -12.94 -22.59 -28.45
C HIS B 286 -12.44 -23.65 -27.46
N ASN B 287 -11.67 -23.23 -26.45
CA ASN B 287 -11.24 -24.16 -25.41
C ASN B 287 -12.43 -24.80 -24.71
N ILE B 288 -13.46 -24.01 -24.39
CA ILE B 288 -14.60 -24.56 -23.66
C ILE B 288 -15.39 -25.53 -24.52
N THR B 289 -15.78 -25.11 -25.74
CA THR B 289 -16.76 -25.86 -26.53
C THR B 289 -16.16 -26.96 -27.40
N VAL B 290 -14.89 -26.86 -27.77
CA VAL B 290 -14.23 -27.84 -28.62
C VAL B 290 -13.23 -28.69 -27.82
N ASN B 291 -12.31 -28.04 -27.10
CA ASN B 291 -11.21 -28.80 -26.50
C ASN B 291 -11.63 -29.57 -25.25
N LEU B 292 -12.46 -28.98 -24.39
CA LEU B 292 -12.90 -29.74 -23.22
C LEU B 292 -13.68 -30.99 -23.61
N PRO B 293 -14.59 -30.96 -24.60
CA PRO B 293 -15.19 -32.24 -25.04
C PRO B 293 -14.16 -33.25 -25.50
N LEU B 294 -13.16 -32.81 -26.27
CA LEU B 294 -12.11 -33.73 -26.70
C LEU B 294 -11.32 -34.28 -25.52
N LEU B 295 -11.22 -33.51 -24.43
CA LEU B 295 -10.43 -33.86 -23.26
C LEU B 295 -11.21 -34.61 -22.20
N LYS B 296 -12.51 -34.78 -22.39
CA LYS B 296 -13.38 -35.24 -21.30
C LYS B 296 -12.91 -36.56 -20.63
N GLN B 297 -12.60 -37.61 -21.41
CA GLN B 297 -12.27 -38.92 -20.79
C GLN B 297 -11.03 -38.84 -19.92
N GLU B 298 -9.97 -38.36 -20.52
CA GLU B 298 -8.84 -37.72 -19.88
C GLU B 298 -9.15 -36.99 -18.60
N ILE B 299 -10.06 -36.01 -18.61
CA ILE B 299 -10.40 -35.23 -17.40
C ILE B 299 -10.95 -36.14 -16.30
N ILE B 300 -11.98 -36.92 -16.63
CA ILE B 300 -12.66 -37.67 -15.59
C ILE B 300 -11.83 -38.84 -15.10
N ALA B 301 -10.80 -39.22 -15.85
CA ALA B 301 -9.91 -40.30 -15.44
C ALA B 301 -9.02 -39.89 -14.26
N ARG B 302 -8.87 -38.61 -14.00
CA ARG B 302 -8.02 -38.10 -12.95
C ARG B 302 -8.68 -38.30 -11.59
N PRO B 303 -7.88 -38.45 -10.54
CA PRO B 303 -8.46 -38.48 -9.19
C PRO B 303 -9.24 -37.21 -8.92
N GLU B 304 -10.31 -37.35 -8.14
CA GLU B 304 -11.15 -36.18 -7.86
C GLU B 304 -10.37 -35.11 -7.10
N ASN B 305 -9.41 -35.50 -6.24
CA ASN B 305 -8.63 -34.45 -5.59
C ASN B 305 -7.63 -33.77 -6.52
N ALA B 306 -7.62 -34.13 -7.79
CA ALA B 306 -6.71 -33.55 -8.77
C ALA B 306 -7.50 -32.93 -9.93
N ARG B 307 -8.61 -32.29 -9.61
CA ARG B 307 -9.52 -31.79 -10.64
C ARG B 307 -8.86 -30.70 -11.47
N LEU B 308 -9.20 -30.69 -12.77
CA LEU B 308 -8.82 -29.60 -13.66
C LEU B 308 -9.71 -28.40 -13.40
N VAL B 309 -9.11 -27.23 -13.25
CA VAL B 309 -9.84 -26.00 -12.98
C VAL B 309 -9.63 -25.03 -14.14
N ILE B 310 -10.74 -24.52 -14.68
CA ILE B 310 -10.71 -23.63 -15.84
C ILE B 310 -10.66 -22.19 -15.36
N ARG B 311 -9.64 -21.44 -15.80
CA ARG B 311 -9.56 -20.02 -15.43
C ARG B 311 -9.79 -19.10 -16.63
N PRO B 312 -10.98 -18.50 -16.74
CA PRO B 312 -11.10 -17.33 -17.61
C PRO B 312 -10.42 -16.12 -16.98
N ASP B 313 -9.97 -15.21 -17.84
CA ASP B 313 -9.30 -14.01 -17.33
C ASP B 313 -9.68 -12.76 -18.12
N SER B 314 -10.81 -12.80 -18.83
CA SER B 314 -11.22 -11.66 -19.65
C SER B 314 -12.71 -11.80 -19.98
N GLY B 315 -13.32 -10.68 -20.36
CA GLY B 315 -14.75 -10.64 -20.56
C GLY B 315 -15.45 -9.99 -19.37
N ASN B 316 -16.74 -9.75 -19.55
CA ASN B 316 -17.53 -9.23 -18.43
C ASN B 316 -17.66 -10.27 -17.33
N PHE B 317 -17.36 -9.87 -16.09
CA PHE B 317 -17.31 -10.82 -14.99
C PHE B 317 -18.59 -11.64 -14.90
N PHE B 318 -19.75 -10.98 -14.99
CA PHE B 318 -21.00 -11.70 -14.81
C PHE B 318 -21.33 -12.56 -16.04
N ALA B 319 -21.15 -12.00 -17.23
CA ALA B 319 -21.51 -12.73 -18.45
C ALA B 319 -20.68 -13.99 -18.61
N ILE B 320 -19.38 -13.91 -18.32
CA ILE B 320 -18.48 -15.05 -18.57
C ILE B 320 -18.85 -16.23 -17.69
N ILE B 321 -19.24 -15.98 -16.45
CA ILE B 321 -19.52 -17.05 -15.52
C ILE B 321 -20.98 -17.49 -15.58
N CYS B 322 -21.91 -16.53 -15.64
CA CYS B 322 -23.35 -16.77 -15.53
C CYS B 322 -24.08 -16.78 -16.87
N GLY B 323 -23.45 -16.32 -17.94
CA GLY B 323 -24.15 -16.25 -19.20
C GLY B 323 -24.76 -14.88 -19.45
N ASP B 324 -24.98 -14.60 -20.74
CA ASP B 324 -25.50 -13.30 -21.18
C ASP B 324 -26.70 -13.55 -22.08
N PRO B 325 -27.92 -13.20 -21.65
CA PRO B 325 -29.09 -13.51 -22.49
C PRO B 325 -29.05 -12.80 -23.83
N THR B 326 -28.41 -11.63 -23.94
CA THR B 326 -28.11 -11.09 -25.26
C THR B 326 -27.00 -11.94 -25.84
N ALA B 327 -27.04 -12.17 -27.14
CA ALA B 327 -26.43 -13.42 -27.53
C ALA B 327 -25.48 -13.45 -28.72
N ASP B 328 -25.96 -14.16 -29.73
CA ASP B 328 -25.37 -14.58 -30.99
C ASP B 328 -25.00 -16.05 -30.88
N THR B 329 -24.64 -16.53 -29.68
CA THR B 329 -24.25 -17.93 -29.51
C THR B 329 -24.92 -18.59 -28.30
N GLU B 330 -25.08 -19.92 -28.43
CA GLU B 330 -25.68 -20.83 -27.43
C GLU B 330 -24.95 -20.65 -26.11
N HIS B 331 -23.66 -20.72 -26.29
CA HIS B 331 -22.70 -20.93 -25.24
C HIS B 331 -22.45 -19.65 -24.48
N GLU B 332 -22.49 -18.51 -25.18
CA GLU B 332 -22.31 -17.25 -24.52
C GLU B 332 -23.53 -16.90 -23.70
N ARG B 333 -24.72 -17.32 -24.17
CA ARG B 333 -25.93 -17.17 -23.36
C ARG B 333 -25.88 -18.06 -22.12
N LYS B 334 -25.21 -19.21 -22.19
CA LYS B 334 -25.18 -20.11 -21.04
C LYS B 334 -24.13 -19.71 -20.01
N GLY B 335 -22.96 -19.25 -20.45
CA GLY B 335 -21.85 -18.97 -19.55
C GLY B 335 -21.05 -20.22 -19.22
N LEU B 336 -19.96 -20.00 -18.46
CA LEU B 336 -19.00 -21.06 -18.20
C LEU B 336 -19.59 -22.19 -17.36
N ILE B 337 -20.22 -21.86 -16.24
CA ILE B 337 -20.66 -22.89 -15.32
C ILE B 337 -21.68 -23.80 -16.01
N GLU B 338 -22.68 -23.20 -16.66
CA GLU B 338 -23.68 -24.04 -17.33
C GLU B 338 -23.04 -24.86 -18.45
N CYS B 339 -22.08 -24.27 -19.18
CA CYS B 339 -21.38 -25.02 -20.23
C CYS B 339 -20.66 -26.22 -19.67
N LEU B 340 -20.06 -26.08 -18.48
CA LEU B 340 -19.36 -27.20 -17.85
C LEU B 340 -20.35 -28.28 -17.43
N TRP B 341 -21.52 -27.84 -16.95
CA TRP B 341 -22.60 -28.76 -16.63
C TRP B 341 -23.03 -29.55 -17.85
N ASP B 342 -23.17 -28.88 -19.00
CA ASP B 342 -23.56 -29.57 -20.22
C ASP B 342 -22.52 -30.61 -20.62
N ILE B 343 -21.23 -30.26 -20.53
CA ILE B 343 -20.18 -31.15 -21.02
C ILE B 343 -19.94 -32.29 -20.04
N PHE B 344 -19.79 -31.98 -18.77
CA PHE B 344 -19.45 -32.97 -17.77
C PHE B 344 -20.71 -33.35 -16.99
N GLY B 345 -20.58 -34.34 -16.14
CA GLY B 345 -21.74 -34.69 -15.36
C GLY B 345 -22.17 -33.58 -14.40
N GLY B 346 -23.11 -33.97 -13.55
CA GLY B 346 -23.26 -33.35 -12.25
C GLY B 346 -24.33 -34.09 -11.48
N THR B 347 -24.60 -33.60 -10.28
CA THR B 347 -25.66 -34.11 -9.44
C THR B 347 -26.52 -32.94 -8.99
N VAL B 348 -27.71 -33.26 -8.49
CA VAL B 348 -28.58 -32.28 -7.87
C VAL B 348 -28.60 -32.59 -6.38
N ASN B 349 -28.28 -31.59 -5.56
CA ASN B 349 -28.06 -31.86 -4.15
C ASN B 349 -29.37 -31.77 -3.38
N GLN B 350 -29.27 -31.96 -2.05
CA GLN B 350 -30.46 -32.02 -1.21
C GLN B 350 -31.25 -30.72 -1.21
N LYS B 351 -30.60 -29.60 -1.49
CA LYS B 351 -31.29 -28.32 -1.52
C LYS B 351 -31.85 -28.00 -2.90
N GLY B 352 -31.63 -28.87 -3.88
CA GLY B 352 -32.19 -28.69 -5.21
C GLY B 352 -31.31 -28.03 -6.25
N TYR B 353 -30.02 -27.85 -5.96
CA TYR B 353 -29.12 -27.09 -6.81
C TYR B 353 -28.14 -27.99 -7.55
N LYS B 354 -27.78 -27.61 -8.78
CA LYS B 354 -26.85 -28.41 -9.57
C LYS B 354 -25.42 -28.28 -9.03
N VAL B 355 -24.74 -29.42 -8.88
CA VAL B 355 -23.33 -29.49 -8.50
C VAL B 355 -22.56 -30.14 -9.64
N ILE B 356 -21.68 -29.37 -10.28
CA ILE B 356 -20.92 -29.85 -11.42
C ILE B 356 -20.10 -31.08 -11.01
N ASN B 357 -19.91 -32.01 -11.97
CA ASN B 357 -18.99 -33.13 -11.88
C ASN B 357 -17.71 -32.68 -11.16
N PRO B 358 -17.33 -33.33 -10.05
CA PRO B 358 -16.16 -32.86 -9.29
C PRO B 358 -14.81 -33.06 -9.98
N HIS B 359 -14.77 -33.64 -11.19
CA HIS B 359 -13.52 -33.73 -11.95
C HIS B 359 -13.19 -32.46 -12.71
N ILE B 360 -14.10 -31.48 -12.76
CA ILE B 360 -13.87 -30.21 -13.41
C ILE B 360 -14.22 -29.08 -12.44
N GLY B 361 -13.51 -27.95 -12.57
CA GLY B 361 -13.74 -26.79 -11.72
C GLY B 361 -13.55 -25.49 -12.48
N ALA B 362 -13.87 -24.38 -11.78
CA ALA B 362 -13.74 -23.05 -12.37
C ALA B 362 -13.20 -22.06 -11.36
N ILE B 363 -12.29 -21.19 -11.79
CA ILE B 363 -11.83 -20.09 -10.95
C ILE B 363 -11.87 -18.80 -11.75
N TYR B 364 -12.42 -17.75 -11.15
CA TYR B 364 -12.51 -16.45 -11.79
C TYR B 364 -11.69 -15.47 -10.96
N GLY B 365 -10.70 -14.84 -11.58
CA GLY B 365 -9.79 -14.02 -10.81
C GLY B 365 -9.35 -12.75 -11.52
N ASP B 366 -10.27 -12.09 -12.22
CA ASP B 366 -9.97 -10.88 -12.99
C ASP B 366 -10.69 -9.71 -12.32
N GLY B 367 -9.95 -8.96 -11.49
CA GLY B 367 -10.52 -7.78 -10.89
C GLY B 367 -11.70 -8.03 -9.97
N VAL B 368 -11.67 -9.14 -9.22
CA VAL B 368 -12.78 -9.51 -8.35
C VAL B 368 -12.88 -8.54 -7.19
N THR B 369 -14.11 -8.11 -6.89
CA THR B 369 -14.49 -7.30 -5.76
C THR B 369 -15.65 -7.98 -5.04
N TYR B 370 -15.93 -7.52 -3.82
CA TYR B 370 -17.03 -8.09 -3.06
C TYR B 370 -18.33 -8.05 -3.85
N GLU B 371 -18.62 -6.91 -4.48
CA GLU B 371 -19.86 -6.77 -5.25
C GLU B 371 -19.91 -7.72 -6.45
N LYS B 372 -18.78 -7.92 -7.14
CA LYS B 372 -18.77 -8.82 -8.28
C LYS B 372 -18.95 -10.26 -7.82
N MET B 373 -18.25 -10.64 -6.75
CA MET B 373 -18.45 -11.95 -6.13
C MET B 373 -19.92 -12.17 -5.78
N PHE B 374 -20.55 -11.19 -5.13
CA PHE B 374 -21.93 -11.37 -4.71
C PHE B 374 -22.85 -11.53 -5.92
N LYS B 375 -22.66 -10.71 -6.95
CA LYS B 375 -23.54 -10.77 -8.11
C LYS B 375 -23.41 -12.09 -8.85
N ILE B 376 -22.18 -12.59 -9.00
CA ILE B 376 -21.97 -13.88 -9.66
C ILE B 376 -22.70 -15.00 -8.90
N LEU B 377 -22.57 -15.02 -7.56
CA LEU B 377 -23.25 -16.08 -6.81
C LEU B 377 -24.77 -15.94 -6.92
N GLU B 378 -25.28 -14.69 -6.95
CA GLU B 378 -26.71 -14.50 -7.21
C GLU B 378 -27.08 -15.01 -8.59
N GLY B 379 -26.24 -14.75 -9.59
CA GLY B 379 -26.54 -15.22 -10.94
C GLY B 379 -26.58 -16.73 -11.03
N LEU B 380 -25.65 -17.40 -10.33
CA LEU B 380 -25.63 -18.87 -10.33
C LEU B 380 -26.81 -19.43 -9.55
N GLN B 381 -27.12 -18.86 -8.39
CA GLN B 381 -28.27 -19.31 -7.60
C GLN B 381 -29.56 -19.20 -8.40
N ALA B 382 -29.77 -18.08 -9.10
CA ALA B 382 -30.98 -17.90 -9.91
C ALA B 382 -31.10 -18.95 -11.01
N LYS B 383 -29.97 -19.40 -11.55
CA LYS B 383 -29.97 -20.46 -12.55
C LYS B 383 -29.99 -21.84 -11.91
N GLY B 384 -30.14 -21.91 -10.59
CA GLY B 384 -30.16 -23.17 -9.88
C GLY B 384 -28.82 -23.88 -9.77
N PHE B 385 -27.72 -23.14 -9.78
CA PHE B 385 -26.39 -23.73 -9.59
C PHE B 385 -25.88 -23.45 -8.19
N ALA B 386 -25.32 -24.47 -7.54
CA ALA B 386 -24.82 -24.30 -6.18
C ALA B 386 -23.63 -23.35 -6.17
N SER B 387 -23.50 -22.58 -5.08
CA SER B 387 -22.40 -21.60 -5.03
C SER B 387 -21.03 -22.27 -4.97
N SER B 388 -20.96 -23.55 -4.58
CA SER B 388 -19.66 -24.24 -4.55
C SER B 388 -19.06 -24.45 -5.94
N ASN B 389 -19.80 -24.16 -7.01
CA ASN B 389 -19.33 -24.43 -8.36
C ASN B 389 -18.24 -23.46 -8.83
N ILE B 390 -17.92 -22.42 -8.06
CA ILE B 390 -16.97 -21.39 -8.47
C ILE B 390 -16.02 -21.06 -7.33
N VAL B 391 -14.74 -20.92 -7.66
CA VAL B 391 -13.73 -20.34 -6.78
C VAL B 391 -13.39 -18.93 -7.28
N PHE B 392 -13.16 -17.99 -6.35
CA PHE B 392 -12.76 -16.64 -6.69
C PHE B 392 -11.29 -16.40 -6.39
N GLY B 393 -10.55 -15.97 -7.40
CA GLY B 393 -9.25 -15.35 -7.22
C GLY B 393 -9.42 -13.90 -6.83
N VAL B 394 -9.16 -13.58 -5.57
CA VAL B 394 -9.48 -12.27 -5.02
C VAL B 394 -8.18 -11.48 -4.95
N GLY B 395 -8.07 -10.45 -5.79
CA GLY B 395 -6.82 -9.79 -6.03
C GLY B 395 -6.77 -8.35 -5.55
N ALA B 396 -6.03 -7.52 -6.29
CA ALA B 396 -5.68 -6.18 -5.82
C ALA B 396 -6.87 -5.24 -5.84
N GLN B 397 -7.84 -5.46 -6.73
CA GLN B 397 -9.02 -4.59 -6.69
C GLN B 397 -9.83 -4.77 -5.42
N THR B 398 -9.61 -5.87 -4.68
CA THR B 398 -10.13 -6.03 -3.32
C THR B 398 -9.15 -5.56 -2.24
N TYR B 399 -7.91 -6.04 -2.25
CA TYR B 399 -7.03 -5.80 -1.11
C TYR B 399 -6.18 -4.55 -1.24
N GLN B 400 -5.79 -4.16 -2.46
CA GLN B 400 -5.04 -2.90 -2.62
C GLN B 400 -5.97 -1.69 -2.68
N ARG B 401 -7.16 -1.84 -3.25
CA ARG B 401 -8.04 -0.68 -3.49
C ARG B 401 -8.76 -0.30 -2.19
N ASN B 402 -7.97 0.12 -1.21
CA ASN B 402 -8.52 0.64 0.04
C ASN B 402 -7.68 1.81 0.51
N THR B 403 -8.25 2.56 1.46
CA THR B 403 -7.51 3.55 2.22
C THR B 403 -7.85 3.38 3.70
N ARG B 404 -7.09 4.10 4.53
CA ARG B 404 -7.44 4.22 5.94
C ARG B 404 -8.87 4.71 6.14
N ASP B 405 -9.46 5.36 5.13
CA ASP B 405 -10.82 5.82 5.25
C ASP B 405 -11.85 4.75 4.93
N THR B 406 -11.43 3.56 4.49
CA THR B 406 -12.38 2.49 4.21
C THR B 406 -13.12 2.08 5.48
N LEU B 407 -12.38 1.87 6.57
CA LEU B 407 -12.96 1.63 7.88
C LEU B 407 -12.77 2.81 8.81
N GLY B 408 -12.23 3.92 8.32
CA GLY B 408 -12.11 5.13 9.10
C GLY B 408 -11.19 5.02 10.29
N PHE B 409 -10.09 4.28 10.15
CA PHE B 409 -9.17 4.09 11.27
C PHE B 409 -8.52 5.41 11.68
N ALA B 410 -8.53 5.68 12.99
CA ALA B 410 -7.90 6.88 13.51
C ALA B 410 -7.45 6.65 14.94
N LEU B 411 -6.27 7.20 15.25
CA LEU B 411 -5.76 7.31 16.62
C LEU B 411 -6.04 8.72 17.12
N LYS B 412 -6.65 8.86 18.30
CA LYS B 412 -6.80 10.19 18.84
C LYS B 412 -6.49 10.23 20.32
N ALA B 413 -5.88 11.33 20.78
CA ALA B 413 -5.69 11.51 22.21
C ALA B 413 -7.03 11.86 22.85
N THR B 414 -7.42 11.09 23.88
CA THR B 414 -8.71 11.30 24.54
C THR B 414 -8.61 11.65 26.01
N SER B 415 -7.42 11.55 26.60
CA SER B 415 -7.24 11.90 28.00
C SER B 415 -5.80 12.34 28.21
N ILE B 416 -5.61 13.44 28.92
CA ILE B 416 -4.29 13.98 29.27
C ILE B 416 -4.23 14.18 30.78
N THR B 417 -3.09 13.85 31.37
CA THR B 417 -2.78 14.14 32.75
C THR B 417 -1.74 15.27 32.81
N ILE B 418 -2.10 16.36 33.47
CA ILE B 418 -1.25 17.53 33.65
C ILE B 418 -1.17 17.82 35.15
N ASN B 419 0.03 17.79 35.70
CA ASN B 419 0.25 18.12 37.11
C ASN B 419 -0.65 17.31 38.03
N GLY B 420 -0.74 16.01 37.76
CA GLY B 420 -1.51 15.12 38.61
C GLY B 420 -3.00 15.07 38.34
N GLU B 421 -3.53 15.90 37.44
CA GLU B 421 -4.96 15.95 37.20
C GLU B 421 -5.24 15.41 35.81
N GLU B 422 -6.00 14.32 35.77
CA GLU B 422 -6.40 13.72 34.51
C GLU B 422 -7.66 14.40 34.01
N LYS B 423 -7.66 14.85 32.76
CA LYS B 423 -8.83 15.47 32.16
C LYS B 423 -9.14 14.79 30.85
N ALA B 424 -10.42 14.55 30.60
CA ALA B 424 -10.84 14.08 29.30
C ALA B 424 -10.55 15.16 28.27
N ILE B 425 -10.18 14.73 27.08
CA ILE B 425 -10.03 15.64 25.96
C ILE B 425 -11.32 15.53 25.15
N PHE B 426 -11.81 16.67 24.69
CA PHE B 426 -13.17 16.82 24.16
C PHE B 426 -13.25 17.35 22.74
N LYS B 427 -12.14 17.37 22.00
CA LYS B 427 -12.10 17.84 20.61
C LYS B 427 -13.38 17.61 19.81
N ASN B 428 -13.81 18.62 19.06
CA ASN B 428 -15.00 18.51 18.20
C ASN B 428 -14.79 19.19 16.84
N SER B 438 -16.39 12.11 19.33
CA SER B 438 -16.71 10.73 19.64
C SER B 438 -16.36 10.36 21.08
N GLN B 439 -15.14 9.87 21.27
CA GLN B 439 -14.65 9.41 22.55
C GLN B 439 -14.04 10.51 23.40
N LYS B 440 -14.24 10.37 24.71
CA LYS B 440 -13.75 11.27 25.73
C LYS B 440 -13.21 10.47 26.92
N GLY B 441 -12.07 10.88 27.43
CA GLY B 441 -11.54 10.16 28.60
C GLY B 441 -11.05 8.75 28.24
N ARG B 442 -10.81 7.95 29.27
CA ARG B 442 -10.39 6.58 29.03
C ARG B 442 -11.60 5.71 28.66
N VAL B 443 -11.33 4.61 27.97
CA VAL B 443 -12.40 3.78 27.43
C VAL B 443 -12.28 2.36 27.94
N LYS B 444 -13.43 1.68 27.93
CA LYS B 444 -13.55 0.27 28.26
C LYS B 444 -14.53 -0.35 27.30
N VAL B 445 -14.14 -1.45 26.67
CA VAL B 445 -15.03 -2.19 25.79
C VAL B 445 -15.76 -3.24 26.62
N LEU B 446 -17.09 -3.19 26.63
CA LEU B 446 -17.88 -4.13 27.43
C LEU B 446 -18.32 -5.34 26.63
N SER B 447 -18.63 -5.14 25.35
CA SER B 447 -19.08 -6.20 24.46
C SER B 447 -18.65 -5.85 23.05
N ARG B 448 -18.99 -6.71 22.09
CA ARG B 448 -18.51 -6.51 20.73
C ARG B 448 -19.03 -5.20 20.14
N ASP B 449 -20.19 -4.73 20.59
CA ASP B 449 -20.77 -3.55 19.98
C ASP B 449 -21.01 -2.40 20.96
N THR B 450 -20.49 -2.48 22.20
CA THR B 450 -20.70 -1.41 23.16
C THR B 450 -19.43 -1.13 23.95
N TYR B 451 -19.15 0.16 24.16
CA TYR B 451 -18.05 0.59 25.01
C TYR B 451 -18.55 1.72 25.89
N VAL B 452 -17.78 2.05 26.93
CA VAL B 452 -18.04 3.21 27.76
C VAL B 452 -16.76 4.03 27.93
N ASP B 453 -16.92 5.35 27.92
CA ASP B 453 -15.79 6.26 28.01
C ASP B 453 -15.95 7.20 29.19
N GLY B 454 -15.24 8.32 29.21
CA GLY B 454 -15.27 9.22 30.34
C GLY B 454 -14.68 8.65 31.61
N LEU B 455 -13.79 7.68 31.48
CA LEU B 455 -13.21 6.98 32.62
C LEU B 455 -11.86 7.62 32.96
N THR B 456 -11.37 7.34 34.16
CA THR B 456 -10.00 7.67 34.52
C THR B 456 -9.23 6.40 34.84
N SER B 457 -7.94 6.58 35.07
CA SER B 457 -7.10 5.46 35.48
C SER B 457 -7.54 4.84 36.79
N ALA B 458 -8.35 5.54 37.58
CA ALA B 458 -8.80 4.99 38.86
C ALA B 458 -9.96 4.02 38.71
N ASP B 459 -10.62 3.99 37.56
CA ASP B 459 -11.82 3.19 37.40
C ASP B 459 -11.48 1.70 37.28
N ASP B 460 -12.54 0.91 37.24
CA ASP B 460 -12.44 -0.54 37.26
C ASP B 460 -12.49 -1.03 35.82
N PHE B 461 -11.43 -1.70 35.39
CA PHE B 461 -11.27 -2.16 34.01
C PHE B 461 -11.45 -3.66 33.95
N SER B 462 -12.14 -4.21 34.96
CA SER B 462 -12.12 -5.62 35.29
C SER B 462 -12.67 -6.50 34.17
N ASP B 463 -13.78 -6.09 33.56
CA ASP B 463 -14.44 -6.82 32.49
C ASP B 463 -14.14 -6.24 31.10
N ASP B 464 -13.00 -5.58 30.94
CA ASP B 464 -12.60 -4.99 29.66
C ASP B 464 -12.35 -6.04 28.58
N LEU B 465 -12.96 -5.87 27.41
CA LEU B 465 -12.59 -6.70 26.26
C LEU B 465 -11.21 -6.32 25.71
N LEU B 466 -10.76 -5.09 25.96
CA LEU B 466 -9.39 -4.71 25.63
C LEU B 466 -8.45 -5.36 26.62
N GLU B 467 -7.50 -6.14 26.12
CA GLU B 467 -6.63 -6.94 26.96
C GLU B 467 -5.23 -6.35 26.94
N LEU B 468 -4.63 -6.22 28.12
CA LEU B 468 -3.24 -5.78 28.21
C LEU B 468 -2.36 -6.63 27.30
N LEU B 469 -1.50 -5.98 26.55
CA LEU B 469 -0.75 -6.66 25.50
C LEU B 469 0.75 -6.38 25.53
N PHE B 470 1.16 -5.13 25.73
CA PHE B 470 2.56 -4.72 25.68
C PHE B 470 2.79 -3.67 26.75
N GLU B 471 3.93 -3.75 27.44
CA GLU B 471 4.26 -2.71 28.40
C GLU B 471 5.76 -2.66 28.60
N ASP B 472 6.33 -1.45 28.49
CA ASP B 472 7.72 -1.18 28.83
C ASP B 472 8.67 -2.15 28.18
N GLY B 473 8.45 -2.40 26.89
CA GLY B 473 9.36 -3.22 26.12
C GLY B 473 9.00 -4.69 26.02
N LYS B 474 7.98 -5.15 26.74
CA LYS B 474 7.69 -6.58 26.85
C LYS B 474 6.36 -6.90 26.19
N LEU B 475 6.36 -7.90 25.33
CA LEU B 475 5.10 -8.49 24.87
C LEU B 475 4.55 -9.35 26.01
N LEU B 476 3.43 -8.94 26.60
CA LEU B 476 2.90 -9.56 27.82
C LEU B 476 1.97 -10.74 27.56
N ARG B 477 1.50 -10.90 26.33
CA ARG B 477 0.46 -11.84 25.94
C ARG B 477 0.77 -12.24 24.51
N GLN B 478 0.78 -13.53 24.20
CA GLN B 478 1.11 -13.97 22.86
C GLN B 478 0.08 -14.94 22.32
N THR B 479 -0.12 -14.87 20.99
CA THR B 479 -1.09 -15.71 20.32
C THR B 479 -0.43 -16.36 19.10
N ASP B 480 -1.08 -17.38 18.57
CA ASP B 480 -0.60 -17.93 17.31
C ASP B 480 -1.78 -17.91 16.35
N PHE B 481 -1.58 -18.39 15.14
CA PHE B 481 -2.62 -18.23 14.10
C PHE B 481 -3.81 -19.17 14.34
N ASP B 482 -3.58 -20.28 15.01
CA ASP B 482 -4.67 -21.23 15.31
C ASP B 482 -5.70 -20.57 16.24
N GLU B 483 -5.23 -19.86 17.25
CA GLU B 483 -6.10 -19.12 18.17
C GLU B 483 -6.89 -18.03 17.45
N ILE B 484 -6.25 -17.35 16.51
CA ILE B 484 -6.91 -16.26 15.76
C ILE B 484 -8.06 -16.84 14.96
N ARG B 485 -7.79 -17.91 14.26
CA ARG B 485 -8.81 -18.56 13.42
C ARG B 485 -9.91 -19.18 14.28
N GLN B 486 -9.52 -19.75 15.42
CA GLN B 486 -10.57 -20.25 16.30
C GLN B 486 -11.40 -19.10 16.86
N ASN B 487 -10.74 -18.01 17.29
CA ASN B 487 -11.47 -16.83 17.74
C ASN B 487 -12.47 -16.36 16.68
N LEU B 488 -12.09 -16.46 15.40
CA LEU B 488 -12.98 -15.96 14.37
C LEU B 488 -14.16 -16.89 14.16
N LEU B 489 -13.91 -18.20 14.29
CA LEU B 489 -15.00 -19.16 14.32
C LEU B 489 -15.98 -18.81 15.45
N VAL B 490 -15.46 -18.55 16.64
CA VAL B 490 -16.33 -18.25 17.78
C VAL B 490 -17.06 -16.93 17.56
N SER B 491 -16.38 -15.95 16.95
CA SER B 491 -17.01 -14.66 16.68
C SER B 491 -18.22 -14.82 15.77
N ARG B 492 -18.12 -15.73 14.81
CA ARG B 492 -19.15 -15.87 13.79
C ARG B 492 -20.44 -16.41 14.42
N THR B 493 -20.30 -17.04 15.59
CA THR B 493 -21.47 -17.33 16.42
O3P NMN C . -2.35 10.97 5.86
P NMN C . -3.70 11.61 5.66
O1P NMN C . -3.79 12.16 4.24
O2P NMN C . -4.74 10.56 5.90
O5R NMN C . -3.89 12.89 6.70
C5R NMN C . -4.75 12.75 7.79
C4R NMN C . -4.74 14.06 8.61
O4R NMN C . -3.27 14.27 9.18
C3R NMN C . -5.03 15.10 7.95
O3R NMN C . -5.95 15.93 8.74
C2R NMN C . -3.60 15.95 7.74
O2R NMN C . -3.87 17.37 7.59
C1R NMN C . -2.97 15.73 8.86
N1 NMN C . -1.50 15.87 8.74
C2 NMN C . -0.96 17.03 9.05
C3 NMN C . 0.41 17.25 8.95
C7 NMN C . 0.93 18.63 9.32
O7 NMN C . 0.13 19.46 9.60
N7 NMN C . 2.34 18.97 9.32
C4 NMN C . 1.22 16.21 8.50
C5 NMN C . 0.62 15.01 8.17
C6 NMN C . -0.76 14.88 8.29
O3P NMN D . -5.39 -8.69 -8.75
P NMN D . -4.04 -8.71 -9.43
O1P NMN D . -2.93 -8.91 -8.39
O2P NMN D . -3.73 -7.40 -10.11
O5R NMN D . -4.01 -9.92 -10.56
C5R NMN D . -3.56 -9.61 -11.85
C4R NMN D . -3.68 -10.82 -12.81
O4R NMN D . -2.77 -11.99 -12.20
C3R NMN D . -4.85 -11.28 -12.87
O3R NMN D . -5.26 -11.74 -14.23
C2R NMN D . -4.86 -12.63 -11.88
O2R NMN D . -5.95 -13.49 -12.25
C1R NMN D . -3.71 -13.20 -12.16
N1 NMN D . -3.21 -14.08 -11.07
C2 NMN D . -3.34 -15.38 -11.23
C3 NMN D . -2.88 -16.25 -10.26
C7 NMN D . -3.07 -17.74 -10.47
O7 NMN D . -3.69 -18.12 -11.41
N7 NMN D . -2.55 -18.68 -9.49
C4 NMN D . -2.29 -15.74 -9.11
C5 NMN D . -2.18 -14.37 -8.96
C6 NMN D . -2.65 -13.56 -9.99
#